data_3AV6
#
_entry.id   3AV6
#
_cell.length_a   134.995
_cell.length_b   97.139
_cell.length_c   130.794
_cell.angle_alpha   90.000
_cell.angle_beta   90.000
_cell.angle_gamma   90.000
#
_symmetry.space_group_name_H-M   'P 21 21 2'
#
loop_
_entity.id
_entity.type
_entity.pdbx_description
1 polymer 'DNA (cytosine-5)-methyltransferase 1'
2 non-polymer 'ZINC ION'
3 non-polymer S-ADENOSYLMETHIONINE
#
_entity_poly.entity_id   1
_entity_poly.type   'polypeptide(L)'
_entity_poly.pdbx_seq_one_letter_code
;AAKRRPKEAEPEQVAPETPEDRDEDEREEKRRKTTRKKLESHTVPVQSRSERKAAQSKSVIPKINSPKCPECGQHLDDPN
LKYQQHPEDAVDEPQMLTSEKLSIYDSTSTWFDTYEDSPMHRFTSFSVYCSRGHLCPVDTGLIEKNVELYFSGCAKAIHD
ENPSMEGGINGKNLGPINQWWLSGFDGGEKVLIGFSTAFAEYILMEPSKEYEPIFGLMQEKIYISKIVVEFLQNNPDAVY
EDLINKIETTVPPSTINVNRFTEDSLLRHAQFVVSQVESYDEAKDDDETPIFLSPCMRALIHLAGVSLGQRRATRRVMGA
TKEKDKAPTKATTTKLVYQIFDTFFSEQIEKYDKEDKENAMKRRRCGVCEVCQQPECGKCKACKDMVKFGGTGRSKQACL
KRRCPNLAVKEADDDEEADDDVSEMPSPKKLHQGKKKKQNKDRISWLGQPMKIEENRTYYQKVSIDEEMLEVGDCVSVIP
DDSSKPLYLARVTALWEDKNGQMMFHAHWFCAGTDTVLGATSDPLELFLVGECENMQLSYIHSKVKVIYKAPSENWAMEG
GTDPETTLPGAEDGKTYFFQLWYNQEYARFESPPKTQPTEDNKHKFCLSCIRLAELRQKEMPKVLEQIEEVDGRVYCSSI
TKNGVVYRLGDSVYLPPEAFTFNIKVASPVKRPKKDPVNETLYPEHYRKYSDYIKGSNLDAPEPYRIGRIKEIHCGKKKG
KVNEADIKLRLYKFYRPENTHRSYNGSYHTDINMLYWSDEEAVVNFSDVQGRCTVEYGEDLLESIQDYSQGGPDRFYFLE
AYNSKTKNFEDPPNHARSPGNKGKGKGKGKGKGKHQVSEPKEPEAAIKLPKLRTLDVFSGCGGLSEGFHQAGISETLWAI
EMWDPAAQAFRLNNPGTTVFTEDCNVLLKLVMAGEVTNSLGQRLPQKGDVEMLCGGPPCQGFSGMNRFNSRTYSKFKNSL
VVSFLSYCDYYRPRFFLLENVRNFVSYRRSMVLKLTLRCLVRMGYQCTFGVLQAGQYGVAQTRRRAIILAAAPGEKLPLF
PEPLHVFAPRACQLSVVVDDKKFVSNITRLSSGPFRTITVRDTMSDLPEIQNGASNSEIPYNGEPLSWFQRQLRGSHYQP
ILRDHICKDMSPLVAARMRHIPLFPGSDWRDLPNIQVRLGDGVIAHKLQYTFHDVKNGYSSTGALRGVCSCAEGKACDPE
SRQFSTLIPWCLPHTGNRHNHWAGLYGRLEWDGFFSTTVTNPEPMGKQGRVLHPEQHRVVSVRECARSQGFPDSYRFFGN
ILDRHRQVGNAVPPPLAKAIGLEIKLCLLSSARESASAAVKAKEEAATKD
;
_entity_poly.pdbx_strand_id   A
#
# COMPACT_ATOMS: atom_id res chain seq x y z
N PRO A 67 -16.02 -27.17 -47.25
CA PRO A 67 -15.79 -28.55 -46.79
C PRO A 67 -14.76 -28.67 -45.65
N LYS A 68 -15.12 -29.42 -44.58
CA LYS A 68 -14.28 -29.67 -43.39
C LYS A 68 -14.14 -31.18 -43.07
N CYS A 69 -13.34 -31.55 -42.03
CA CYS A 69 -13.15 -32.96 -41.67
C CYS A 69 -14.16 -33.47 -40.64
N PRO A 70 -14.85 -34.61 -40.91
CA PRO A 70 -15.77 -35.16 -39.90
C PRO A 70 -15.05 -35.59 -38.62
N GLU A 71 -13.77 -35.99 -38.76
CA GLU A 71 -12.92 -36.43 -37.67
C GLU A 71 -12.24 -35.28 -36.91
N CYS A 72 -11.42 -34.42 -37.58
CA CYS A 72 -10.67 -33.33 -36.95
C CYS A 72 -11.21 -31.89 -37.13
N GLY A 73 -12.05 -31.70 -38.14
CA GLY A 73 -12.69 -30.42 -38.42
C GLY A 73 -11.96 -29.42 -39.28
N GLN A 74 -10.75 -29.74 -39.71
CA GLN A 74 -10.00 -28.80 -40.54
C GLN A 74 -10.70 -28.54 -41.89
N HIS A 75 -10.74 -27.29 -42.33
CA HIS A 75 -11.32 -26.91 -43.62
C HIS A 75 -10.46 -27.43 -44.79
N LEU A 76 -11.09 -28.07 -45.77
CA LEU A 76 -10.38 -28.59 -46.94
C LEU A 76 -9.84 -27.43 -47.80
N ASP A 77 -10.54 -26.26 -47.75
CA ASP A 77 -10.15 -25.03 -48.46
C ASP A 77 -8.96 -24.36 -47.78
N ASP A 78 -8.67 -24.76 -46.49
CA ASP A 78 -7.55 -24.24 -45.71
C ASP A 78 -6.25 -24.50 -46.47
N PRO A 79 -5.55 -23.41 -46.87
CA PRO A 79 -4.30 -23.56 -47.61
C PRO A 79 -3.14 -24.14 -46.79
N ASN A 80 -3.34 -24.29 -45.45
CA ASN A 80 -2.33 -24.85 -44.55
C ASN A 80 -2.48 -26.35 -44.28
N LEU A 81 -3.56 -26.97 -44.82
CA LEU A 81 -3.80 -28.40 -44.68
C LEU A 81 -2.70 -29.19 -45.37
N LYS A 82 -2.33 -30.32 -44.75
CA LYS A 82 -1.31 -31.22 -45.25
C LYS A 82 -1.72 -32.64 -44.92
N TYR A 83 -1.51 -33.56 -45.88
CA TYR A 83 -1.84 -34.97 -45.72
C TYR A 83 -0.64 -35.79 -45.29
N GLN A 84 -0.91 -36.92 -44.61
CA GLN A 84 0.10 -37.81 -44.10
C GLN A 84 0.82 -38.51 -45.25
N GLN A 85 2.16 -38.44 -45.26
CA GLN A 85 2.98 -39.13 -46.23
C GLN A 85 3.85 -40.15 -45.48
N HIS A 86 3.71 -41.45 -45.83
CA HIS A 86 4.39 -42.59 -45.18
C HIS A 86 5.74 -43.01 -45.79
N PRO A 87 6.70 -43.51 -44.97
CA PRO A 87 7.93 -44.09 -45.55
C PRO A 87 7.71 -45.59 -45.87
N GLU A 88 8.39 -46.12 -46.91
CA GLU A 88 8.28 -47.53 -47.36
C GLU A 88 8.27 -48.54 -46.18
N ASP A 89 9.31 -48.45 -45.32
CA ASP A 89 9.61 -49.21 -44.09
C ASP A 89 8.45 -49.23 -43.06
N ALA A 90 7.37 -48.47 -43.31
CA ALA A 90 6.20 -48.36 -42.43
C ALA A 90 5.59 -49.69 -42.02
N VAL A 91 5.55 -49.97 -40.69
CA VAL A 91 4.96 -51.17 -40.05
C VAL A 91 4.12 -50.73 -38.83
N ASP A 92 3.01 -51.44 -38.55
CA ASP A 92 2.10 -51.19 -37.42
C ASP A 92 2.80 -51.29 -36.06
N GLU A 93 2.27 -50.58 -35.05
CA GLU A 93 2.85 -50.51 -33.70
C GLU A 93 3.25 -51.85 -33.04
N PRO A 94 2.35 -52.87 -32.87
CA PRO A 94 2.76 -54.12 -32.21
C PRO A 94 4.00 -54.79 -32.81
N GLN A 95 4.13 -54.77 -34.14
CA GLN A 95 5.29 -55.34 -34.83
C GLN A 95 6.55 -54.49 -34.63
N MET A 96 6.38 -53.15 -34.55
CA MET A 96 7.51 -52.24 -34.29
C MET A 96 8.01 -52.51 -32.86
N LEU A 97 7.09 -52.66 -31.89
CA LEU A 97 7.40 -52.97 -30.48
C LEU A 97 7.67 -54.47 -30.31
N THR A 98 8.63 -54.98 -31.12
CA THR A 98 9.10 -56.36 -31.24
C THR A 98 10.54 -56.32 -31.76
N SER A 99 10.92 -55.21 -32.41
CA SER A 99 12.25 -54.99 -32.97
C SER A 99 13.40 -55.10 -31.97
N GLU A 100 14.50 -55.74 -32.43
CA GLU A 100 15.73 -55.97 -31.68
C GLU A 100 16.44 -54.66 -31.36
N LYS A 101 16.38 -53.67 -32.30
CA LYS A 101 16.97 -52.31 -32.18
C LYS A 101 16.66 -51.68 -30.81
N LEU A 102 15.44 -51.91 -30.32
CA LEU A 102 14.89 -51.45 -29.05
C LEU A 102 15.14 -52.47 -27.91
N SER A 103 15.11 -51.97 -26.65
CA SER A 103 15.31 -52.76 -25.41
C SER A 103 14.17 -52.52 -24.40
N THR A 114 12.79 -42.58 -15.59
CA THR A 114 13.02 -43.91 -16.16
C THR A 114 12.36 -45.06 -15.38
N TYR A 115 11.77 -44.74 -14.21
CA TYR A 115 11.07 -45.69 -13.35
C TYR A 115 9.62 -45.84 -13.89
N GLU A 116 9.42 -46.84 -14.76
CA GLU A 116 8.13 -47.10 -15.41
C GLU A 116 7.87 -48.59 -15.72
N ASP A 117 6.76 -48.85 -16.46
CA ASP A 117 6.29 -50.17 -16.88
C ASP A 117 5.40 -50.01 -18.14
N SER A 118 6.03 -49.87 -19.34
CA SER A 118 5.27 -49.71 -20.58
C SER A 118 5.74 -50.39 -21.88
N PRO A 119 6.95 -50.19 -22.47
CA PRO A 119 8.14 -49.43 -22.00
C PRO A 119 8.27 -48.01 -22.56
N MET A 120 9.52 -47.54 -22.71
CA MET A 120 9.85 -46.19 -23.19
C MET A 120 10.81 -46.21 -24.35
N HIS A 121 10.55 -45.38 -25.36
CA HIS A 121 11.42 -45.29 -26.52
C HIS A 121 11.54 -43.88 -27.03
N ARG A 122 12.59 -43.63 -27.83
CA ARG A 122 12.82 -42.36 -28.53
C ARG A 122 12.05 -42.43 -29.86
N PHE A 123 11.67 -41.26 -30.42
CA PHE A 123 10.88 -41.20 -31.63
C PHE A 123 11.23 -40.03 -32.47
N THR A 124 11.61 -40.27 -33.73
CA THR A 124 11.99 -39.17 -34.65
C THR A 124 11.06 -39.13 -35.87
N SER A 125 11.23 -38.10 -36.71
CA SER A 125 10.46 -37.80 -37.93
C SER A 125 8.96 -38.05 -37.70
N PHE A 126 8.47 -37.72 -36.50
CA PHE A 126 7.08 -37.96 -36.13
C PHE A 126 6.13 -37.05 -36.86
N SER A 127 4.87 -37.53 -37.02
CA SER A 127 3.75 -36.81 -37.65
C SER A 127 2.46 -37.27 -36.97
N VAL A 128 1.60 -36.34 -36.56
CA VAL A 128 0.33 -36.69 -35.91
C VAL A 128 -0.79 -36.40 -36.87
N TYR A 129 -1.77 -37.32 -36.97
CA TYR A 129 -2.88 -37.18 -37.92
C TYR A 129 -4.17 -37.81 -37.46
N CYS A 130 -5.29 -37.27 -37.98
CA CYS A 130 -6.64 -37.76 -37.75
C CYS A 130 -6.79 -39.09 -38.51
N SER A 131 -7.87 -39.83 -38.20
CA SER A 131 -8.16 -41.12 -38.81
C SER A 131 -8.22 -41.07 -40.34
N ARG A 132 -8.52 -39.87 -40.91
CA ARG A 132 -8.64 -39.57 -42.35
C ARG A 132 -7.33 -39.10 -43.03
N GLY A 133 -6.28 -38.81 -42.24
CA GLY A 133 -4.95 -38.47 -42.74
C GLY A 133 -4.45 -37.04 -42.60
N HIS A 134 -5.28 -36.13 -42.05
CA HIS A 134 -4.87 -34.72 -41.89
C HIS A 134 -3.87 -34.58 -40.80
N LEU A 135 -2.79 -33.87 -41.05
CA LEU A 135 -1.82 -33.58 -40.01
C LEU A 135 -2.53 -32.74 -38.92
N CYS A 136 -2.28 -33.01 -37.62
CA CYS A 136 -3.03 -32.36 -36.55
C CYS A 136 -2.22 -31.83 -35.37
N PRO A 137 -2.70 -30.77 -34.67
CA PRO A 137 -2.04 -30.37 -33.43
C PRO A 137 -2.43 -31.35 -32.34
N VAL A 138 -1.81 -31.20 -31.19
CA VAL A 138 -1.97 -32.06 -30.03
C VAL A 138 -2.42 -31.20 -28.82
N ASP A 139 -2.10 -29.87 -28.89
CA ASP A 139 -2.41 -28.80 -27.94
C ASP A 139 -3.89 -28.46 -27.99
N THR A 140 -4.45 -28.34 -29.20
CA THR A 140 -5.84 -28.04 -29.58
C THR A 140 -6.99 -28.76 -28.79
N GLY A 141 -6.66 -29.83 -28.06
CA GLY A 141 -7.62 -30.57 -27.23
C GLY A 141 -8.50 -31.58 -27.93
N LEU A 142 -8.08 -32.03 -29.13
CA LEU A 142 -8.81 -33.02 -29.94
C LEU A 142 -8.81 -34.39 -29.27
N ILE A 143 -7.71 -34.74 -28.56
CA ILE A 143 -7.57 -36.02 -27.84
C ILE A 143 -8.70 -36.14 -26.81
N GLU A 144 -8.97 -35.02 -26.12
CA GLU A 144 -10.01 -34.83 -25.11
C GLU A 144 -11.40 -34.83 -25.76
N LYS A 145 -11.53 -34.21 -26.95
CA LYS A 145 -12.78 -34.15 -27.71
C LYS A 145 -13.13 -35.53 -28.33
N ASN A 146 -12.46 -36.60 -27.82
CA ASN A 146 -12.57 -38.02 -28.16
C ASN A 146 -12.06 -38.39 -29.56
N VAL A 147 -11.37 -37.46 -30.25
CA VAL A 147 -10.83 -37.67 -31.59
C VAL A 147 -9.56 -38.51 -31.53
N GLU A 148 -9.54 -39.65 -32.26
CA GLU A 148 -8.40 -40.56 -32.33
C GLU A 148 -7.31 -39.95 -33.21
N LEU A 149 -6.16 -39.69 -32.58
CA LEU A 149 -5.00 -39.19 -33.30
C LEU A 149 -3.96 -40.32 -33.41
N TYR A 150 -3.37 -40.45 -34.58
CA TYR A 150 -2.42 -41.50 -34.88
C TYR A 150 -1.09 -40.88 -35.26
N PHE A 151 0.01 -41.58 -35.04
CA PHE A 151 1.30 -41.03 -35.41
C PHE A 151 2.22 -42.01 -36.12
N SER A 152 3.17 -41.47 -36.85
CA SER A 152 4.12 -42.25 -37.63
C SER A 152 5.49 -41.59 -37.56
N GLY A 153 6.52 -42.42 -37.58
CA GLY A 153 7.92 -42.00 -37.54
C GLY A 153 8.84 -43.13 -37.13
N CYS A 154 10.12 -42.80 -36.93
CA CYS A 154 11.21 -43.72 -36.60
C CYS A 154 11.42 -43.86 -35.09
N ALA A 155 11.14 -45.05 -34.51
CA ALA A 155 11.36 -45.30 -33.08
C ALA A 155 12.81 -45.62 -32.83
N LYS A 156 13.36 -45.23 -31.66
CA LYS A 156 14.77 -45.46 -31.31
C LYS A 156 14.94 -45.99 -29.90
N ALA A 157 16.20 -46.33 -29.54
CA ALA A 157 16.58 -46.85 -28.23
C ALA A 157 16.55 -45.73 -27.19
N ILE A 158 15.97 -45.98 -25.98
CA ILE A 158 15.83 -45.01 -24.88
C ILE A 158 17.01 -44.05 -24.68
N HIS A 159 18.24 -44.55 -24.83
CA HIS A 159 19.49 -43.79 -24.67
C HIS A 159 20.01 -43.07 -25.96
N ASP A 160 19.57 -43.53 -27.17
CA ASP A 160 19.97 -43.00 -28.48
C ASP A 160 19.54 -41.52 -28.67
N GLU A 161 20.53 -40.61 -28.58
CA GLU A 161 20.37 -39.16 -28.69
C GLU A 161 20.45 -38.63 -30.13
N ASN A 162 20.60 -39.53 -31.12
CA ASN A 162 20.68 -39.15 -32.52
C ASN A 162 19.29 -38.82 -33.09
N PRO A 163 19.02 -37.56 -33.51
CA PRO A 163 17.70 -37.25 -34.09
C PRO A 163 17.62 -37.50 -35.61
N SER A 164 18.47 -38.42 -36.12
CA SER A 164 18.49 -38.81 -37.53
C SER A 164 18.00 -40.25 -37.64
N MET A 165 17.20 -40.57 -38.68
CA MET A 165 16.68 -41.93 -38.90
C MET A 165 17.83 -42.82 -39.38
N GLU A 166 18.48 -43.53 -38.42
CA GLU A 166 19.62 -44.40 -38.71
C GLU A 166 19.76 -45.56 -37.72
N GLY A 167 18.98 -45.56 -36.65
CA GLY A 167 19.07 -46.62 -35.65
C GLY A 167 17.80 -47.35 -35.30
N GLY A 168 16.66 -46.88 -35.84
CA GLY A 168 15.37 -47.49 -35.53
C GLY A 168 14.45 -47.87 -36.67
N ILE A 169 13.30 -48.47 -36.31
CA ILE A 169 12.24 -48.92 -37.22
C ILE A 169 11.22 -47.84 -37.49
N ASN A 170 10.66 -47.84 -38.70
CA ASN A 170 9.61 -46.90 -39.06
C ASN A 170 8.28 -47.54 -38.77
N GLY A 171 7.50 -46.88 -37.92
CA GLY A 171 6.16 -47.29 -37.54
C GLY A 171 5.08 -46.45 -38.20
N LYS A 172 3.90 -47.03 -38.40
CA LYS A 172 2.78 -46.34 -39.03
C LYS A 172 1.52 -46.52 -38.22
N ASN A 173 0.59 -45.54 -38.31
CA ASN A 173 -0.71 -45.53 -37.60
C ASN A 173 -0.58 -46.09 -36.17
N LEU A 174 0.41 -45.54 -35.42
CA LEU A 174 0.69 -45.97 -34.05
C LEU A 174 -0.45 -45.51 -33.16
N GLY A 175 -1.02 -46.50 -32.43
CA GLY A 175 -2.18 -46.50 -31.55
C GLY A 175 -2.81 -45.16 -31.23
N PRO A 176 -4.18 -45.06 -31.19
CA PRO A 176 -4.80 -43.76 -30.87
C PRO A 176 -4.13 -43.16 -29.63
N ILE A 177 -3.69 -41.90 -29.71
CA ILE A 177 -2.97 -41.31 -28.58
C ILE A 177 -3.86 -41.22 -27.35
N ASN A 178 -3.58 -42.09 -26.32
CA ASN A 178 -4.29 -42.14 -25.02
C ASN A 178 -4.16 -40.76 -24.38
N GLN A 179 -2.91 -40.25 -24.33
CA GLN A 179 -2.55 -38.93 -23.82
C GLN A 179 -1.15 -38.51 -24.24
N TRP A 180 -0.90 -37.22 -24.13
CA TRP A 180 0.39 -36.61 -24.37
C TRP A 180 0.78 -35.98 -23.04
N TRP A 181 2.08 -35.81 -22.81
CA TRP A 181 2.56 -35.28 -21.55
C TRP A 181 3.90 -34.60 -21.73
N LEU A 182 4.27 -33.78 -20.75
CA LEU A 182 5.52 -33.04 -20.68
C LEU A 182 6.27 -33.45 -19.39
N SER A 183 7.54 -33.05 -19.33
CA SER A 183 8.48 -33.24 -18.22
C SER A 183 9.62 -32.25 -18.44
N GLY A 184 10.16 -31.68 -17.35
CA GLY A 184 11.29 -30.76 -17.43
C GLY A 184 11.04 -29.34 -16.97
N PHE A 185 10.69 -29.18 -15.69
CA PHE A 185 10.48 -27.85 -15.10
C PHE A 185 11.21 -27.77 -13.74
N ASP A 186 12.55 -27.59 -13.79
CA ASP A 186 13.47 -27.49 -12.65
C ASP A 186 14.91 -27.33 -13.17
N GLY A 187 15.85 -28.01 -12.51
CA GLY A 187 17.27 -28.03 -12.84
C GLY A 187 17.58 -28.78 -14.13
N GLY A 188 17.13 -28.20 -15.25
CA GLY A 188 17.33 -28.76 -16.57
C GLY A 188 16.53 -28.12 -17.68
N GLU A 189 17.04 -28.27 -18.91
CA GLU A 189 16.45 -27.82 -20.18
C GLU A 189 15.74 -29.04 -20.83
N LYS A 190 15.53 -30.08 -20.00
CA LYS A 190 14.91 -31.36 -20.33
C LYS A 190 13.42 -31.21 -20.67
N VAL A 191 13.04 -30.17 -21.44
CA VAL A 191 11.65 -29.98 -21.86
C VAL A 191 11.28 -31.02 -22.89
N LEU A 192 10.93 -32.22 -22.38
CA LEU A 192 10.59 -33.40 -23.17
C LEU A 192 9.10 -33.53 -23.39
N ILE A 193 8.72 -33.84 -24.63
CA ILE A 193 7.33 -34.03 -25.05
C ILE A 193 7.14 -35.52 -25.31
N GLY A 194 6.15 -36.10 -24.65
CA GLY A 194 5.92 -37.52 -24.78
C GLY A 194 4.51 -37.98 -25.10
N PHE A 195 4.41 -39.13 -25.80
CA PHE A 195 3.14 -39.73 -26.15
C PHE A 195 2.92 -41.04 -25.43
N SER A 196 1.67 -41.27 -25.01
CA SER A 196 1.24 -42.50 -24.37
C SER A 196 0.17 -43.18 -25.26
N THR A 197 0.48 -44.40 -25.73
CA THR A 197 -0.42 -45.24 -26.55
C THR A 197 -0.78 -46.47 -25.72
N ALA A 198 -1.82 -47.21 -26.14
CA ALA A 198 -2.27 -48.40 -25.42
C ALA A 198 -1.17 -49.49 -25.32
N PHE A 199 0.03 -49.24 -25.91
CA PHE A 199 1.15 -50.17 -25.91
C PHE A 199 2.45 -49.67 -25.26
N ALA A 200 2.84 -48.39 -25.47
CA ALA A 200 4.11 -47.84 -24.93
C ALA A 200 4.18 -46.31 -24.83
N GLU A 201 5.24 -45.80 -24.16
CA GLU A 201 5.53 -44.38 -23.99
C GLU A 201 6.59 -43.93 -25.00
N TYR A 202 6.42 -42.74 -25.59
CA TYR A 202 7.34 -42.23 -26.61
C TYR A 202 7.86 -40.82 -26.36
N ILE A 203 9.20 -40.68 -26.17
CA ILE A 203 9.88 -39.38 -26.01
C ILE A 203 10.17 -38.89 -27.41
N LEU A 204 9.48 -37.82 -27.80
CA LEU A 204 9.61 -37.24 -29.13
C LEU A 204 10.90 -36.48 -29.32
N MET A 205 11.57 -36.69 -30.46
CA MET A 205 12.80 -36.00 -30.84
C MET A 205 12.45 -34.92 -31.85
N GLU A 206 12.95 -35.02 -33.08
CA GLU A 206 12.68 -34.05 -34.14
C GLU A 206 11.46 -34.47 -34.94
N PRO A 207 10.56 -33.52 -35.33
CA PRO A 207 9.42 -33.90 -36.15
C PRO A 207 9.86 -34.18 -37.58
N SER A 208 8.91 -34.64 -38.42
CA SER A 208 9.13 -34.88 -39.85
C SER A 208 9.19 -33.51 -40.55
N LYS A 209 9.60 -33.44 -41.84
CA LYS A 209 9.69 -32.15 -42.51
C LYS A 209 8.34 -31.42 -42.68
N GLU A 210 7.27 -32.20 -42.93
CA GLU A 210 5.92 -31.71 -43.13
C GLU A 210 5.29 -31.40 -41.79
N TYR A 211 5.64 -32.21 -40.77
CA TYR A 211 5.06 -31.95 -39.45
C TYR A 211 5.74 -30.80 -38.69
N GLU A 212 7.00 -30.46 -39.05
CA GLU A 212 7.79 -29.38 -38.43
C GLU A 212 6.95 -28.09 -38.11
N PRO A 213 6.27 -27.44 -39.09
CA PRO A 213 5.44 -26.26 -38.77
C PRO A 213 4.41 -26.39 -37.65
N ILE A 214 3.64 -27.52 -37.62
CA ILE A 214 2.60 -27.80 -36.62
C ILE A 214 3.27 -28.00 -35.27
N PHE A 215 4.39 -28.74 -35.25
CA PHE A 215 5.13 -28.96 -34.01
C PHE A 215 5.84 -27.69 -33.57
N GLY A 216 6.05 -26.78 -34.53
CA GLY A 216 6.69 -25.49 -34.32
C GLY A 216 5.92 -24.64 -33.34
N LEU A 217 4.61 -24.47 -33.61
CA LEU A 217 3.69 -23.69 -32.78
C LEU A 217 3.66 -24.27 -31.37
N MET A 218 3.48 -25.60 -31.28
CA MET A 218 3.43 -26.37 -30.04
C MET A 218 4.69 -26.07 -29.21
N GLN A 219 5.85 -25.95 -29.90
CA GLN A 219 7.13 -25.66 -29.26
C GLN A 219 7.18 -24.24 -28.68
N GLU A 220 6.72 -23.21 -29.46
CA GLU A 220 6.64 -21.81 -29.03
C GLU A 220 5.89 -21.76 -27.69
N LYS A 221 4.69 -22.43 -27.68
CA LYS A 221 3.80 -22.56 -26.52
C LYS A 221 4.53 -23.12 -25.31
N ILE A 222 5.17 -24.30 -25.45
CA ILE A 222 5.90 -25.01 -24.37
C ILE A 222 7.02 -24.17 -23.76
N TYR A 223 7.77 -23.48 -24.63
CA TYR A 223 8.87 -22.62 -24.24
C TYR A 223 8.40 -21.46 -23.35
N ILE A 224 7.32 -20.75 -23.74
CA ILE A 224 6.76 -19.69 -22.88
C ILE A 224 6.44 -20.28 -21.51
N SER A 225 5.69 -21.41 -21.48
CA SER A 225 5.30 -22.12 -20.26
C SER A 225 6.50 -22.42 -19.35
N LYS A 226 7.64 -22.86 -19.94
CA LYS A 226 8.88 -23.13 -19.20
C LYS A 226 9.37 -21.86 -18.48
N ILE A 227 9.56 -20.74 -19.25
CA ILE A 227 10.01 -19.41 -18.82
C ILE A 227 9.19 -18.95 -17.62
N VAL A 228 7.85 -18.98 -17.77
CA VAL A 228 6.87 -18.63 -16.75
C VAL A 228 7.06 -19.50 -15.49
N VAL A 229 7.05 -20.85 -15.64
CA VAL A 229 7.26 -21.80 -14.53
C VAL A 229 8.59 -21.54 -13.80
N GLU A 230 9.71 -21.43 -14.54
CA GLU A 230 11.03 -21.22 -13.93
C GLU A 230 11.11 -19.89 -13.17
N PHE A 231 10.61 -18.80 -13.79
CA PHE A 231 10.56 -17.46 -13.19
C PHE A 231 9.77 -17.45 -11.89
N LEU A 232 8.64 -18.13 -11.89
CA LEU A 232 7.78 -18.21 -10.73
C LEU A 232 8.35 -19.10 -9.63
N GLN A 233 9.29 -19.98 -9.98
CA GLN A 233 9.88 -20.89 -9.00
C GLN A 233 10.81 -20.10 -8.10
N ASN A 234 11.58 -19.15 -8.68
CA ASN A 234 12.55 -18.26 -8.01
C ASN A 234 11.87 -16.98 -7.53
N ASN A 235 10.68 -16.66 -8.10
CA ASN A 235 9.97 -15.42 -7.77
C ASN A 235 8.48 -15.56 -7.57
N PRO A 236 7.98 -16.22 -6.50
CA PRO A 236 6.54 -16.12 -6.21
C PRO A 236 6.35 -14.66 -5.71
N ASP A 237 5.10 -14.15 -5.57
CA ASP A 237 4.91 -12.74 -5.12
C ASP A 237 5.11 -11.78 -6.31
N ALA A 238 5.59 -12.30 -7.48
CA ALA A 238 5.80 -11.53 -8.70
C ALA A 238 4.48 -11.04 -9.26
N VAL A 239 4.49 -9.78 -9.51
CA VAL A 239 3.41 -8.99 -10.04
C VAL A 239 3.35 -9.10 -11.61
N TYR A 240 2.16 -8.85 -12.19
CA TYR A 240 1.92 -8.89 -13.64
C TYR A 240 3.04 -8.22 -14.39
N GLU A 241 3.46 -7.03 -13.96
CA GLU A 241 4.48 -6.28 -14.68
C GLU A 241 5.85 -6.95 -14.68
N ASP A 242 6.14 -7.78 -13.68
CA ASP A 242 7.39 -8.55 -13.57
C ASP A 242 7.38 -9.69 -14.62
N LEU A 243 6.22 -10.37 -14.73
CA LEU A 243 6.01 -11.45 -15.68
C LEU A 243 6.28 -10.88 -17.05
N ILE A 244 5.48 -9.88 -17.47
CA ILE A 244 5.62 -9.24 -18.79
C ILE A 244 7.08 -8.83 -19.09
N ASN A 245 7.78 -8.32 -18.07
CA ASN A 245 9.16 -7.93 -18.26
C ASN A 245 10.05 -9.17 -18.42
N LYS A 246 9.89 -10.21 -17.56
CA LYS A 246 10.66 -11.45 -17.66
C LYS A 246 10.53 -12.04 -19.05
N ILE A 247 9.29 -12.13 -19.58
CA ILE A 247 9.02 -12.65 -20.92
C ILE A 247 9.71 -11.84 -22.00
N GLU A 248 9.44 -10.53 -22.04
CA GLU A 248 9.92 -9.60 -23.06
C GLU A 248 11.40 -9.47 -23.12
N THR A 249 12.07 -9.79 -22.03
CA THR A 249 13.52 -9.71 -21.83
C THR A 249 14.26 -11.04 -22.13
N THR A 250 13.54 -12.18 -22.09
CA THR A 250 14.09 -13.50 -22.35
C THR A 250 14.34 -13.70 -23.83
N VAL A 251 15.60 -13.98 -24.21
CA VAL A 251 15.95 -14.22 -25.62
C VAL A 251 15.68 -15.69 -25.97
N PRO A 252 14.75 -15.97 -26.90
CA PRO A 252 14.52 -17.36 -27.28
C PRO A 252 15.70 -17.89 -28.13
N PRO A 253 16.03 -19.21 -28.09
CA PRO A 253 17.11 -19.70 -28.95
C PRO A 253 16.70 -19.70 -30.43
N SER A 254 17.67 -19.99 -31.32
CA SER A 254 17.46 -20.05 -32.77
C SER A 254 16.37 -21.08 -33.11
N THR A 255 16.47 -22.27 -32.47
CA THR A 255 15.54 -23.41 -32.58
C THR A 255 14.05 -22.99 -32.48
N ILE A 256 13.73 -22.05 -31.58
CA ILE A 256 12.37 -21.52 -31.47
C ILE A 256 12.21 -20.44 -32.54
N ASN A 257 11.34 -20.69 -33.54
CA ASN A 257 11.06 -19.82 -34.69
C ASN A 257 10.19 -18.58 -34.38
N VAL A 258 10.73 -17.72 -33.49
CA VAL A 258 10.17 -16.44 -33.06
C VAL A 258 11.34 -15.55 -32.64
N ASN A 259 11.23 -14.23 -32.91
CA ASN A 259 12.29 -13.26 -32.57
C ASN A 259 12.38 -13.00 -31.07
N ARG A 260 11.30 -12.47 -30.48
CA ARG A 260 11.20 -12.20 -29.05
C ARG A 260 9.75 -12.28 -28.62
N PHE A 261 9.52 -12.67 -27.37
CA PHE A 261 8.16 -12.79 -26.86
C PHE A 261 7.66 -11.50 -26.30
N THR A 262 6.35 -11.28 -26.47
CA THR A 262 5.67 -10.09 -25.98
C THR A 262 4.46 -10.48 -25.12
N GLU A 263 3.84 -9.46 -24.49
CA GLU A 263 2.58 -9.60 -23.75
C GLU A 263 1.53 -10.17 -24.73
N ASP A 264 1.54 -9.75 -26.05
CA ASP A 264 0.65 -10.30 -27.08
C ASP A 264 0.71 -11.84 -27.16
N SER A 265 1.95 -12.40 -27.16
CA SER A 265 2.20 -13.85 -27.16
C SER A 265 1.59 -14.48 -25.93
N LEU A 266 1.94 -13.97 -24.72
CA LEU A 266 1.47 -14.53 -23.47
C LEU A 266 -0.02 -14.54 -23.44
N LEU A 267 -0.62 -13.43 -23.87
CA LEU A 267 -2.07 -13.32 -23.90
C LEU A 267 -2.62 -14.32 -24.90
N ARG A 268 -2.06 -14.39 -26.13
CA ARG A 268 -2.44 -15.37 -27.16
C ARG A 268 -2.41 -16.78 -26.56
N HIS A 269 -1.31 -17.18 -25.89
CA HIS A 269 -1.14 -18.51 -25.26
C HIS A 269 -1.57 -18.58 -23.76
N ALA A 270 -2.40 -17.63 -23.29
CA ALA A 270 -2.84 -17.55 -21.90
C ALA A 270 -3.47 -18.82 -21.37
N GLN A 271 -4.26 -19.55 -22.21
CA GLN A 271 -4.90 -20.79 -21.76
C GLN A 271 -3.91 -21.93 -21.51
N PHE A 272 -2.97 -22.16 -22.45
CA PHE A 272 -1.92 -23.19 -22.43
C PHE A 272 -0.98 -22.92 -21.27
N VAL A 273 -0.33 -21.74 -21.32
CA VAL A 273 0.62 -21.24 -20.32
C VAL A 273 0.03 -21.36 -18.90
N VAL A 274 -1.26 -21.04 -18.72
CA VAL A 274 -1.89 -21.15 -17.41
C VAL A 274 -2.08 -22.59 -17.01
N SER A 275 -2.62 -23.43 -17.91
CA SER A 275 -2.86 -24.83 -17.61
C SER A 275 -1.58 -25.62 -17.28
N GLN A 276 -0.44 -25.26 -17.93
CA GLN A 276 0.84 -25.92 -17.70
C GLN A 276 1.39 -25.52 -16.35
N VAL A 277 1.02 -24.30 -15.91
CA VAL A 277 1.42 -23.73 -14.63
C VAL A 277 0.58 -24.40 -13.55
N GLU A 278 -0.68 -24.69 -13.83
CA GLU A 278 -1.53 -25.41 -12.89
C GLU A 278 -1.01 -26.83 -12.75
N SER A 279 -0.58 -27.45 -13.88
CA SER A 279 -0.09 -28.83 -13.97
C SER A 279 1.22 -29.02 -13.24
N TYR A 280 2.06 -27.98 -13.21
CA TYR A 280 3.32 -28.04 -12.48
C TYR A 280 3.05 -28.17 -10.98
N ASP A 281 1.99 -27.49 -10.48
CA ASP A 281 1.56 -27.50 -9.07
C ASP A 281 0.98 -28.82 -8.59
N GLU A 282 0.19 -29.51 -9.45
CA GLU A 282 -0.38 -30.83 -9.18
C GLU A 282 0.82 -31.76 -8.99
N ALA A 283 1.63 -31.92 -10.09
CA ALA A 283 2.85 -32.71 -10.22
C ALA A 283 3.85 -32.45 -9.07
N LYS A 284 4.72 -31.39 -9.17
CA LYS A 284 5.67 -31.05 -8.10
C LYS A 284 4.89 -30.49 -6.90
N ASP A 285 4.42 -31.40 -6.04
CA ASP A 285 3.63 -31.06 -4.87
C ASP A 285 4.45 -31.03 -3.57
N ASP A 286 4.34 -29.90 -2.85
CA ASP A 286 5.00 -29.64 -1.56
C ASP A 286 3.88 -29.35 -0.54
N ASP A 287 3.96 -28.18 0.08
CA ASP A 287 2.99 -27.65 1.04
C ASP A 287 2.91 -26.15 0.73
N GLU A 288 3.84 -25.68 -0.13
CA GLU A 288 3.97 -24.31 -0.63
C GLU A 288 2.73 -23.89 -1.43
N THR A 289 2.56 -22.55 -1.60
CA THR A 289 1.46 -21.95 -2.36
C THR A 289 1.64 -22.36 -3.81
N PRO A 290 0.56 -22.88 -4.47
CA PRO A 290 0.67 -23.23 -5.89
C PRO A 290 1.07 -22.00 -6.72
N ILE A 291 1.95 -22.24 -7.66
CA ILE A 291 2.48 -21.23 -8.57
C ILE A 291 1.39 -20.49 -9.43
N PHE A 292 0.25 -21.16 -9.75
CA PHE A 292 -0.84 -20.50 -10.48
C PHE A 292 -1.59 -19.44 -9.61
N LEU A 293 -1.34 -19.43 -8.27
CA LEU A 293 -1.96 -18.48 -7.35
C LEU A 293 -1.12 -17.22 -7.15
N SER A 294 -0.02 -17.14 -7.91
CA SER A 294 0.89 -16.02 -7.95
C SER A 294 0.12 -14.71 -8.29
N PRO A 295 0.59 -13.51 -7.87
CA PRO A 295 -0.13 -12.29 -8.24
C PRO A 295 -0.20 -12.08 -9.75
N CYS A 296 0.92 -12.33 -10.46
CA CYS A 296 0.98 -12.18 -11.91
C CYS A 296 0.05 -13.18 -12.59
N MET A 297 0.01 -14.43 -12.04
CA MET A 297 -0.79 -15.53 -12.57
C MET A 297 -2.25 -15.24 -12.57
N ARG A 298 -2.80 -14.82 -11.40
CA ARG A 298 -4.17 -14.39 -11.25
C ARG A 298 -4.45 -13.14 -12.09
N ALA A 299 -3.46 -12.23 -12.27
CA ALA A 299 -3.65 -11.07 -13.15
C ALA A 299 -3.87 -11.52 -14.59
N LEU A 300 -3.06 -12.47 -15.08
CA LEU A 300 -3.21 -13.04 -16.41
C LEU A 300 -4.58 -13.73 -16.54
N ILE A 301 -4.92 -14.56 -15.54
CA ILE A 301 -6.16 -15.33 -15.49
C ILE A 301 -7.37 -14.42 -15.67
N HIS A 302 -7.42 -13.32 -14.90
CA HIS A 302 -8.50 -12.35 -14.98
C HIS A 302 -8.47 -11.58 -16.30
N LEU A 303 -7.27 -11.17 -16.78
CA LEU A 303 -7.14 -10.39 -18.01
C LEU A 303 -7.56 -11.12 -19.25
N ALA A 304 -6.97 -12.29 -19.51
CA ALA A 304 -7.31 -13.13 -20.67
C ALA A 304 -8.38 -14.11 -20.19
N GLY A 305 -9.48 -14.26 -20.92
CA GLY A 305 -10.54 -15.16 -20.44
C GLY A 305 -10.07 -16.60 -20.45
N VAL A 306 -9.66 -17.12 -19.27
CA VAL A 306 -9.08 -18.46 -19.18
C VAL A 306 -9.83 -19.43 -18.26
N SER A 307 -10.12 -20.64 -18.76
CA SER A 307 -10.80 -21.66 -17.96
C SER A 307 -9.78 -22.56 -17.21
N LEU A 308 -9.88 -22.55 -15.86
CA LEU A 308 -9.00 -23.31 -14.96
C LEU A 308 -9.56 -24.70 -14.68
N GLY A 309 -8.67 -25.64 -14.40
CA GLY A 309 -9.07 -27.01 -14.09
C GLY A 309 -8.80 -28.00 -15.20
N GLN A 310 -8.42 -27.49 -16.41
CA GLN A 310 -8.09 -28.29 -17.58
C GLN A 310 -6.76 -29.00 -17.29
N ARG A 311 -6.89 -30.25 -16.81
CA ARG A 311 -5.82 -31.15 -16.36
C ARG A 311 -4.92 -31.65 -17.49
N ARG A 312 -3.58 -31.81 -17.21
CA ARG A 312 -2.61 -32.29 -18.21
C ARG A 312 -1.39 -33.08 -17.64
N ALA A 313 -0.21 -32.83 -18.21
CA ALA A 313 1.11 -33.41 -17.98
C ALA A 313 1.60 -33.55 -16.54
N THR A 314 2.66 -34.36 -16.37
CA THR A 314 3.32 -34.66 -15.10
C THR A 314 4.79 -34.98 -15.45
N ARG A 315 5.11 -36.27 -15.73
CA ARG A 315 6.45 -36.73 -16.10
C ARG A 315 6.39 -37.90 -17.10
N PRO A 328 15.22 -22.62 5.14
CA PRO A 328 14.07 -21.96 5.79
C PRO A 328 14.52 -20.78 6.67
N THR A 329 14.58 -19.56 6.06
CA THR A 329 15.00 -18.27 6.60
C THR A 329 14.76 -18.13 8.09
N LYS A 330 15.84 -17.84 8.84
CA LYS A 330 15.77 -17.64 10.29
C LYS A 330 16.09 -16.18 10.57
N ALA A 331 15.11 -15.43 11.08
CA ALA A 331 15.30 -14.00 11.37
C ALA A 331 16.26 -13.76 12.51
N THR A 332 17.25 -12.87 12.28
CA THR A 332 18.23 -12.49 13.28
C THR A 332 17.49 -11.71 14.38
N THR A 333 17.37 -12.35 15.57
CA THR A 333 16.61 -11.80 16.70
C THR A 333 17.35 -11.70 18.00
N THR A 334 16.82 -10.86 18.89
CA THR A 334 17.22 -10.70 20.28
C THR A 334 16.24 -11.63 20.97
N LYS A 335 16.68 -12.32 22.03
CA LYS A 335 15.90 -13.26 22.85
C LYS A 335 14.52 -12.67 23.24
N LEU A 336 14.50 -11.40 23.71
CA LEU A 336 13.30 -10.65 24.07
C LEU A 336 12.26 -10.66 22.92
N VAL A 337 12.72 -10.44 21.68
CA VAL A 337 11.90 -10.43 20.48
C VAL A 337 11.63 -11.87 20.07
N TYR A 338 12.53 -12.80 20.37
CA TYR A 338 12.29 -14.20 20.02
C TYR A 338 11.13 -14.72 20.84
N GLN A 339 11.24 -14.60 22.18
CA GLN A 339 10.25 -15.02 23.16
C GLN A 339 8.86 -14.50 22.90
N ILE A 340 8.74 -13.18 22.55
CA ILE A 340 7.45 -12.54 22.27
C ILE A 340 6.66 -13.33 21.22
N PHE A 341 7.34 -13.68 20.12
CA PHE A 341 6.76 -14.39 19.00
C PHE A 341 6.72 -15.89 19.19
N ASP A 342 7.49 -16.36 20.16
CA ASP A 342 7.56 -17.78 20.49
C ASP A 342 6.39 -18.12 21.42
N THR A 343 6.05 -17.22 22.39
CA THR A 343 4.92 -17.43 23.30
C THR A 343 3.59 -17.38 22.53
N PHE A 344 3.40 -16.41 21.62
CA PHE A 344 2.19 -16.32 20.80
C PHE A 344 1.88 -17.63 20.05
N PHE A 345 2.94 -18.39 19.70
CA PHE A 345 2.78 -19.68 19.02
C PHE A 345 2.29 -20.74 20.02
N SER A 346 3.02 -20.90 21.14
CA SER A 346 2.68 -21.84 22.20
C SER A 346 1.44 -21.45 23.03
N GLU A 347 0.83 -20.29 22.70
CA GLU A 347 -0.36 -19.80 23.41
C GLU A 347 -1.55 -19.56 22.49
N GLN A 348 -1.55 -18.44 21.74
CA GLN A 348 -2.67 -18.12 20.85
C GLN A 348 -2.61 -18.74 19.45
N ILE A 349 -1.87 -19.88 19.26
CA ILE A 349 -1.81 -20.50 17.93
C ILE A 349 -2.46 -21.91 17.84
N GLU A 350 -3.62 -21.95 17.08
CA GLU A 350 -4.45 -23.14 16.81
C GLU A 350 -4.74 -23.30 15.32
N ARG A 363 -13.96 -24.86 0.65
CA ARG A 363 -15.11 -25.76 0.61
C ARG A 363 -16.24 -25.34 -0.38
N ARG A 364 -16.30 -24.02 -0.76
CA ARG A 364 -17.27 -23.45 -1.72
C ARG A 364 -16.89 -23.86 -3.18
N ARG A 365 -16.64 -25.17 -3.38
CA ARG A 365 -16.26 -25.86 -4.62
C ARG A 365 -17.09 -25.41 -5.82
N CYS A 366 -16.47 -25.31 -7.02
CA CYS A 366 -17.15 -24.85 -8.23
C CYS A 366 -18.11 -25.84 -8.85
N GLY A 367 -17.87 -27.14 -8.64
CA GLY A 367 -18.69 -28.23 -9.18
C GLY A 367 -18.46 -28.53 -10.64
N VAL A 368 -18.48 -27.48 -11.48
CA VAL A 368 -18.34 -27.52 -12.93
C VAL A 368 -16.97 -27.95 -13.47
N CYS A 369 -15.84 -27.40 -12.95
CA CYS A 369 -14.50 -27.72 -13.48
C CYS A 369 -14.07 -29.21 -13.50
N GLU A 370 -13.04 -29.55 -14.31
CA GLU A 370 -12.49 -30.91 -14.45
C GLU A 370 -11.80 -31.43 -13.17
N VAL A 371 -11.49 -30.54 -12.24
CA VAL A 371 -10.88 -30.92 -10.97
C VAL A 371 -12.04 -31.28 -10.03
N CYS A 372 -13.17 -30.55 -10.18
CA CYS A 372 -14.41 -30.75 -9.43
C CYS A 372 -15.17 -32.03 -9.91
N GLN A 373 -14.70 -32.65 -11.00
CA GLN A 373 -15.29 -33.86 -11.58
C GLN A 373 -14.21 -34.97 -11.60
N GLN A 374 -13.22 -34.87 -10.69
CA GLN A 374 -12.06 -35.78 -10.60
C GLN A 374 -12.00 -36.55 -9.27
N PRO A 375 -12.47 -37.82 -9.20
CA PRO A 375 -12.37 -38.56 -7.92
C PRO A 375 -11.02 -39.29 -7.75
N GLU A 376 -10.41 -39.35 -6.53
CA GLU A 376 -10.88 -38.78 -5.25
C GLU A 376 -9.67 -38.43 -4.33
N ALA A 398 -4.32 -42.96 -2.32
CA ALA A 398 -3.08 -42.38 -2.82
C ALA A 398 -3.26 -40.90 -3.12
N CYS A 399 -4.37 -40.54 -3.81
CA CYS A 399 -4.71 -39.18 -4.16
C CYS A 399 -5.51 -38.51 -3.06
N LEU A 400 -5.07 -37.33 -2.68
CA LEU A 400 -5.72 -36.56 -1.63
C LEU A 400 -6.27 -35.21 -2.21
N LYS A 401 -5.55 -34.64 -3.21
CA LYS A 401 -5.82 -33.36 -3.89
C LYS A 401 -6.73 -33.34 -5.13
N ARG A 402 -7.92 -32.78 -4.91
CA ARG A 402 -9.05 -32.56 -5.81
C ARG A 402 -9.45 -31.06 -5.63
N ARG A 403 -8.47 -30.25 -5.19
CA ARG A 403 -8.57 -28.82 -4.87
C ARG A 403 -9.01 -27.90 -6.04
N CYS A 404 -10.31 -27.47 -6.04
CA CYS A 404 -10.88 -26.57 -7.06
C CYS A 404 -10.05 -25.30 -7.33
N PRO A 405 -9.55 -25.14 -8.57
CA PRO A 405 -8.72 -23.97 -8.89
C PRO A 405 -9.46 -22.64 -8.97
N ASN A 406 -10.79 -22.66 -9.16
CA ASN A 406 -11.58 -21.43 -9.25
C ASN A 406 -11.78 -20.88 -7.87
N LEU A 407 -12.13 -21.77 -6.92
CA LEU A 407 -12.24 -21.43 -5.49
C LEU A 407 -10.91 -20.82 -5.05
N ALA A 408 -9.78 -21.55 -5.34
CA ALA A 408 -8.41 -21.16 -5.03
C ALA A 408 -8.13 -19.68 -5.39
N VAL A 409 -8.51 -19.25 -6.61
CA VAL A 409 -8.36 -17.87 -7.10
C VAL A 409 -9.20 -16.90 -6.29
N LYS A 410 -10.53 -17.17 -6.15
CA LYS A 410 -11.41 -16.28 -5.39
C LYS A 410 -10.89 -16.05 -3.98
N GLU A 411 -10.50 -17.12 -3.29
CA GLU A 411 -9.89 -17.08 -1.94
C GLU A 411 -8.60 -16.22 -1.92
N ALA A 412 -7.66 -16.45 -2.86
CA ALA A 412 -6.41 -15.70 -2.99
C ALA A 412 -6.70 -14.23 -3.25
N ASP A 413 -7.72 -13.93 -4.07
CA ASP A 413 -8.16 -12.58 -4.43
C ASP A 413 -8.75 -11.90 -3.23
N ASP A 414 -9.68 -12.58 -2.54
CA ASP A 414 -10.33 -12.05 -1.34
C ASP A 414 -9.37 -11.87 -0.16
N ASP A 415 -8.27 -12.64 -0.13
CA ASP A 415 -7.23 -12.51 0.89
C ASP A 415 -6.52 -11.18 0.68
N GLU A 416 -6.43 -10.71 -0.55
CA GLU A 416 -5.79 -9.43 -0.86
C GLU A 416 -6.60 -8.18 -0.39
N GLU A 417 -7.96 -8.20 -0.46
CA GLU A 417 -8.84 -7.10 -0.04
C GLU A 417 -9.11 -7.07 1.47
N ALA A 418 -9.26 -5.87 2.06
CA ALA A 418 -9.60 -5.67 3.49
C ALA A 418 -11.00 -5.02 3.68
N ASP A 419 -11.46 -4.88 4.94
CA ASP A 419 -12.76 -4.23 5.27
C ASP A 419 -12.62 -2.75 5.79
N ASP A 420 -12.12 -1.87 4.87
CA ASP A 420 -11.91 -0.42 5.01
C ASP A 420 -13.31 0.22 5.23
N GLU A 424 -16.46 4.42 9.12
CA GLU A 424 -17.93 4.47 9.18
C GLU A 424 -18.49 3.71 10.40
N MET A 425 -17.60 3.30 11.31
CA MET A 425 -17.91 2.57 12.53
C MET A 425 -18.08 3.57 13.69
N PRO A 426 -19.00 3.34 14.68
CA PRO A 426 -19.12 4.29 15.80
C PRO A 426 -17.89 4.29 16.72
N SER A 427 -17.73 5.37 17.51
CA SER A 427 -16.63 5.55 18.46
C SER A 427 -16.61 4.38 19.49
N PRO A 428 -15.42 3.83 19.86
CA PRO A 428 -15.40 2.72 20.83
C PRO A 428 -15.72 3.19 22.26
N LYS A 429 -16.80 2.63 22.85
CA LYS A 429 -17.23 2.95 24.23
C LYS A 429 -16.13 2.69 25.25
N LYS A 430 -16.06 3.56 26.27
CA LYS A 430 -15.08 3.48 27.36
C LYS A 430 -15.38 2.27 28.22
N LEU A 431 -14.34 1.66 28.83
CA LEU A 431 -14.53 0.52 29.74
C LEU A 431 -15.11 1.00 31.10
N HIS A 432 -15.25 0.07 32.07
CA HIS A 432 -15.71 0.36 33.45
C HIS A 432 -17.02 1.17 33.59
N GLN A 433 -17.89 1.16 32.54
CA GLN A 433 -19.19 1.86 32.53
C GLN A 433 -20.38 1.05 31.93
N GLY A 434 -20.67 -0.16 32.44
CA GLY A 434 -20.01 -0.83 33.56
C GLY A 434 -20.83 -0.72 34.83
N LYS A 435 -21.13 -1.88 35.45
CA LYS A 435 -21.88 -1.98 36.71
C LYS A 435 -21.03 -2.84 37.65
N LYS A 436 -20.99 -2.48 38.93
CA LYS A 436 -20.16 -3.16 39.92
C LYS A 436 -20.98 -3.68 41.08
N LYS A 437 -20.53 -4.79 41.70
CA LYS A 437 -21.23 -5.39 42.84
C LYS A 437 -20.64 -5.00 44.19
N LYS A 438 -21.51 -4.62 45.16
CA LYS A 438 -21.13 -4.24 46.53
C LYS A 438 -20.63 -5.47 47.31
N GLN A 439 -19.97 -5.26 48.46
CA GLN A 439 -19.38 -6.33 49.24
C GLN A 439 -19.75 -6.32 50.75
N ASN A 440 -18.72 -6.45 51.61
CA ASN A 440 -18.68 -6.51 53.07
C ASN A 440 -19.66 -5.62 53.84
N LYS A 441 -19.98 -6.05 55.07
CA LYS A 441 -20.84 -5.37 56.04
C LYS A 441 -20.21 -5.51 57.48
N ASP A 442 -18.95 -6.05 57.56
CA ASP A 442 -18.21 -6.27 58.81
C ASP A 442 -17.79 -5.00 59.58
N ARG A 443 -16.59 -4.45 59.31
CA ARG A 443 -16.09 -3.26 59.99
C ARG A 443 -15.15 -2.40 59.12
N ILE A 444 -15.64 -1.23 58.72
CA ILE A 444 -14.90 -0.23 57.93
C ILE A 444 -14.86 1.05 58.78
N SER A 445 -13.66 1.45 59.23
CA SER A 445 -13.50 2.67 60.03
C SER A 445 -12.19 3.36 59.74
N TRP A 446 -12.23 4.71 59.67
CA TRP A 446 -11.08 5.56 59.40
C TRP A 446 -9.97 5.36 60.41
N LEU A 447 -8.72 5.48 59.95
CA LEU A 447 -7.57 5.34 60.81
C LEU A 447 -6.71 6.59 60.75
N GLY A 448 -6.62 7.29 61.88
CA GLY A 448 -5.85 8.51 62.04
C GLY A 448 -6.65 9.79 61.96
N GLN A 449 -5.93 10.89 61.64
CA GLN A 449 -6.44 12.25 61.55
C GLN A 449 -6.80 12.67 60.10
N PRO A 450 -7.88 13.49 59.89
CA PRO A 450 -8.19 13.93 58.53
C PRO A 450 -7.05 14.70 57.84
N MET A 451 -6.99 14.62 56.50
CA MET A 451 -5.97 15.27 55.66
C MET A 451 -6.38 16.70 55.29
N LYS A 452 -7.70 16.99 55.22
CA LYS A 452 -8.26 18.30 54.82
C LYS A 452 -9.81 18.27 54.81
N ILE A 453 -10.45 19.45 54.76
CA ILE A 453 -11.91 19.57 54.59
C ILE A 453 -12.15 20.17 53.16
N GLU A 454 -13.38 20.03 52.61
CA GLU A 454 -13.73 20.57 51.30
C GLU A 454 -15.23 20.88 51.12
N ARG A 457 -17.45 20.41 53.07
CA ARG A 457 -18.50 19.43 52.76
C ARG A 457 -18.02 17.96 52.57
N THR A 458 -16.68 17.73 52.57
CA THR A 458 -16.07 16.39 52.47
C THR A 458 -14.83 16.29 53.36
N TYR A 459 -14.74 15.24 54.19
CA TYR A 459 -13.61 15.02 55.09
C TYR A 459 -12.66 13.90 54.67
N TYR A 460 -11.55 14.29 54.00
CA TYR A 460 -10.49 13.43 53.48
C TYR A 460 -9.64 12.84 54.58
N GLN A 461 -9.23 11.57 54.43
CA GLN A 461 -8.44 10.79 55.38
C GLN A 461 -7.35 10.00 54.63
N LYS A 462 -6.17 9.78 55.23
CA LYS A 462 -5.10 9.03 54.53
C LYS A 462 -5.30 7.51 54.56
N VAL A 463 -5.51 6.95 55.75
CA VAL A 463 -5.64 5.50 55.95
C VAL A 463 -7.11 5.13 56.31
N SER A 464 -7.47 3.84 56.15
CA SER A 464 -8.81 3.31 56.40
C SER A 464 -8.76 1.81 56.67
N ILE A 465 -9.40 1.36 57.76
CA ILE A 465 -9.49 -0.08 58.03
C ILE A 465 -10.72 -0.67 57.34
N ASP A 466 -10.56 -1.87 56.83
CA ASP A 466 -11.57 -2.66 56.14
C ASP A 466 -11.11 -4.08 56.50
N GLU A 467 -11.20 -4.41 57.82
CA GLU A 467 -10.66 -5.60 58.50
C GLU A 467 -9.12 -5.44 58.58
N GLU A 468 -8.43 -5.24 57.42
CA GLU A 468 -7.00 -4.92 57.30
C GLU A 468 -6.81 -3.47 56.79
N MET A 469 -5.56 -2.95 56.80
CA MET A 469 -5.22 -1.59 56.37
C MET A 469 -5.39 -1.32 54.87
N LEU A 470 -5.55 -0.03 54.52
CA LEU A 470 -5.77 0.48 53.16
C LEU A 470 -5.50 1.99 53.19
N GLU A 471 -4.63 2.47 52.32
CA GLU A 471 -4.28 3.89 52.26
C GLU A 471 -4.04 4.38 50.85
N VAL A 472 -4.15 5.72 50.65
CA VAL A 472 -3.95 6.42 49.38
C VAL A 472 -2.67 5.90 48.67
N GLY A 473 -2.85 5.43 47.43
CA GLY A 473 -1.79 4.87 46.61
C GLY A 473 -1.82 3.35 46.51
N ASP A 474 -2.60 2.69 47.39
CA ASP A 474 -2.77 1.24 47.37
C ASP A 474 -3.72 0.93 46.21
N CYS A 475 -3.61 -0.27 45.66
CA CYS A 475 -4.48 -0.66 44.55
C CYS A 475 -5.49 -1.67 45.01
N VAL A 476 -6.71 -1.54 44.51
CA VAL A 476 -7.80 -2.44 44.89
C VAL A 476 -8.42 -3.14 43.68
N SER A 477 -9.20 -4.18 43.96
CA SER A 477 -9.92 -4.91 42.93
C SER A 477 -11.40 -4.75 43.22
N VAL A 478 -12.21 -4.60 42.17
CA VAL A 478 -13.66 -4.43 42.26
C VAL A 478 -14.34 -5.45 41.32
N ILE A 479 -15.16 -6.34 41.90
CA ILE A 479 -15.86 -7.39 41.15
C ILE A 479 -17.06 -6.76 40.44
N PRO A 480 -17.22 -6.90 39.10
CA PRO A 480 -18.39 -6.30 38.44
C PRO A 480 -19.64 -7.14 38.63
N ASP A 481 -20.69 -6.89 37.80
CA ASP A 481 -21.91 -7.72 37.79
C ASP A 481 -21.51 -8.98 37.01
N ASP A 482 -21.49 -10.13 37.73
CA ASP A 482 -21.06 -11.46 37.29
C ASP A 482 -21.62 -11.94 35.93
N SER A 483 -21.13 -11.30 34.84
CA SER A 483 -21.51 -11.56 33.45
C SER A 483 -20.24 -11.83 32.65
N SER A 484 -19.84 -10.88 31.77
CA SER A 484 -18.57 -10.91 31.04
C SER A 484 -17.63 -10.33 32.10
N LYS A 485 -17.29 -11.17 33.11
CA LYS A 485 -16.53 -10.81 34.30
C LYS A 485 -15.01 -11.04 34.30
N PRO A 486 -14.21 -10.01 33.89
CA PRO A 486 -12.76 -10.17 33.96
C PRO A 486 -12.27 -9.91 35.39
N LEU A 487 -12.58 -8.69 35.92
CA LEU A 487 -12.28 -8.11 37.24
C LEU A 487 -11.73 -6.71 37.04
N TYR A 488 -12.32 -5.71 37.73
CA TYR A 488 -11.88 -4.31 37.65
C TYR A 488 -10.76 -4.07 38.63
N LEU A 489 -9.80 -3.24 38.25
CA LEU A 489 -8.65 -2.88 39.08
C LEU A 489 -8.44 -1.38 39.02
N ALA A 490 -8.23 -0.76 40.19
CA ALA A 490 -8.03 0.69 40.30
C ALA A 490 -7.01 1.05 41.35
N ARG A 491 -6.56 2.31 41.33
CA ARG A 491 -5.64 2.87 42.29
C ARG A 491 -6.48 3.79 43.19
N VAL A 492 -6.35 3.62 44.52
CA VAL A 492 -7.06 4.42 45.53
C VAL A 492 -6.40 5.82 45.53
N THR A 493 -7.07 6.73 44.85
CA THR A 493 -6.65 8.11 44.63
C THR A 493 -6.95 8.97 45.86
N ALA A 494 -8.13 8.76 46.46
CA ALA A 494 -8.57 9.50 47.63
C ALA A 494 -9.48 8.64 48.48
N LEU A 495 -9.63 9.03 49.76
CA LEU A 495 -10.48 8.43 50.78
C LEU A 495 -11.09 9.60 51.51
N TRP A 496 -12.42 9.61 51.65
CA TRP A 496 -13.14 10.66 52.38
C TRP A 496 -14.51 10.22 52.87
N GLU A 497 -15.12 11.07 53.71
CA GLU A 497 -16.44 10.85 54.26
C GLU A 497 -17.31 12.07 54.00
N ASP A 498 -18.28 11.96 53.08
CA ASP A 498 -19.15 13.09 52.74
C ASP A 498 -20.09 13.51 53.83
N LYS A 499 -20.84 14.61 53.59
CA LYS A 499 -21.83 15.18 54.50
C LYS A 499 -22.90 14.16 54.92
N ASN A 500 -23.15 13.12 54.09
CA ASN A 500 -24.18 12.12 54.42
C ASN A 500 -23.64 10.94 55.22
N GLY A 501 -22.39 11.07 55.69
CA GLY A 501 -21.70 10.08 56.49
C GLY A 501 -21.25 8.88 55.67
N GLN A 502 -21.48 8.94 54.36
CA GLN A 502 -21.11 7.89 53.44
C GLN A 502 -19.59 7.82 53.28
N MET A 503 -19.00 6.63 53.52
CA MET A 503 -17.56 6.42 53.37
C MET A 503 -17.26 6.23 51.88
N MET A 504 -16.30 7.00 51.36
CA MET A 504 -16.04 7.05 49.94
C MET A 504 -14.59 6.88 49.53
N PHE A 505 -14.38 6.63 48.23
CA PHE A 505 -13.07 6.54 47.63
C PHE A 505 -13.11 6.91 46.18
N HIS A 506 -12.01 7.47 45.67
CA HIS A 506 -11.89 7.81 44.26
C HIS A 506 -11.02 6.72 43.65
N ALA A 507 -11.60 6.00 42.66
CA ALA A 507 -11.00 4.88 41.93
C ALA A 507 -10.49 5.34 40.58
N HIS A 508 -9.16 5.34 40.38
CA HIS A 508 -8.55 5.70 39.10
C HIS A 508 -8.20 4.36 38.44
N TRP A 509 -9.11 3.93 37.55
CA TRP A 509 -9.13 2.65 36.82
C TRP A 509 -7.91 2.33 35.96
N PHE A 510 -7.53 1.07 36.00
CA PHE A 510 -6.49 0.50 35.17
C PHE A 510 -7.21 -0.19 34.01
N CYS A 511 -6.46 -0.52 32.98
CA CYS A 511 -6.92 -1.18 31.79
C CYS A 511 -6.02 -2.37 31.62
N ALA A 512 -6.62 -3.56 31.45
CA ALA A 512 -5.90 -4.84 31.29
C ALA A 512 -5.02 -4.95 30.03
N GLY A 513 -4.29 -6.08 29.93
CA GLY A 513 -3.41 -6.42 28.81
C GLY A 513 -4.23 -6.52 27.54
N THR A 514 -5.34 -7.26 27.62
CA THR A 514 -6.35 -7.33 26.57
C THR A 514 -7.06 -5.97 26.75
N ASP A 515 -8.24 -5.73 26.17
CA ASP A 515 -8.93 -4.43 26.34
C ASP A 515 -8.21 -3.28 25.62
N THR A 516 -6.88 -3.35 25.47
CA THR A 516 -6.10 -2.38 24.70
C THR A 516 -6.11 -2.92 23.28
N VAL A 517 -5.56 -2.17 22.34
CA VAL A 517 -5.49 -2.61 20.97
C VAL A 517 -4.80 -4.00 20.93
N LEU A 518 -3.73 -4.17 21.77
CA LEU A 518 -2.91 -5.39 21.93
C LEU A 518 -3.69 -6.66 22.01
N GLY A 519 -4.77 -6.66 22.79
CA GLY A 519 -5.62 -7.82 22.99
C GLY A 519 -4.86 -9.00 23.52
N ALA A 520 -5.20 -10.20 23.00
CA ALA A 520 -4.56 -11.49 23.31
C ALA A 520 -3.03 -11.42 23.39
N THR A 521 -2.37 -10.68 22.47
CA THR A 521 -0.91 -10.53 22.39
C THR A 521 -0.23 -10.17 23.70
N SER A 522 -0.94 -9.45 24.60
CA SER A 522 -0.39 -8.99 25.87
C SER A 522 -0.25 -9.96 27.00
N ASP A 523 0.61 -9.53 27.94
CA ASP A 523 0.92 -10.18 29.20
C ASP A 523 -0.33 -10.19 30.06
N PRO A 524 -0.74 -11.37 30.59
CA PRO A 524 -1.95 -11.40 31.41
C PRO A 524 -1.83 -10.61 32.72
N LEU A 525 -0.64 -10.05 32.98
CA LEU A 525 -0.37 -9.27 34.19
C LEU A 525 -0.11 -7.81 33.91
N GLU A 526 0.11 -7.42 32.63
CA GLU A 526 0.37 -6.02 32.30
C GLU A 526 -0.90 -5.23 32.30
N LEU A 527 -0.86 -4.12 33.02
CA LEU A 527 -1.98 -3.21 33.16
C LEU A 527 -1.58 -1.88 32.56
N PHE A 528 -2.58 -1.08 32.19
CA PHE A 528 -2.36 0.22 31.57
C PHE A 528 -3.10 1.35 32.26
N LEU A 529 -2.46 2.51 32.43
CA LEU A 529 -3.12 3.66 33.04
C LEU A 529 -4.00 4.30 31.96
N VAL A 530 -5.28 4.53 32.26
CA VAL A 530 -6.17 5.19 31.31
C VAL A 530 -6.75 6.45 31.91
N GLY A 531 -7.52 7.17 31.11
CA GLY A 531 -8.21 8.39 31.55
C GLY A 531 -9.60 8.05 32.03
N GLU A 532 -9.66 7.09 32.96
CA GLU A 532 -10.91 6.63 33.52
C GLU A 532 -10.84 6.53 35.04
N CYS A 533 -11.62 7.41 35.68
CA CYS A 533 -11.73 7.50 37.12
C CYS A 533 -13.15 7.91 37.55
N GLU A 534 -13.60 7.36 38.68
CA GLU A 534 -14.92 7.65 39.21
C GLU A 534 -14.94 7.62 40.75
N ASN A 535 -15.99 8.21 41.36
CA ASN A 535 -16.15 8.16 42.79
C ASN A 535 -16.92 6.89 43.13
N MET A 536 -16.62 6.25 44.28
CA MET A 536 -17.27 5.02 44.71
C MET A 536 -17.28 4.81 46.20
N GLN A 537 -18.27 4.06 46.73
CA GLN A 537 -18.33 3.71 48.15
C GLN A 537 -17.29 2.65 48.48
N LEU A 538 -16.72 2.68 49.70
CA LEU A 538 -15.73 1.70 50.15
C LEU A 538 -16.30 0.28 50.13
N SER A 539 -17.65 0.17 50.10
CA SER A 539 -18.42 -1.07 50.03
C SER A 539 -18.06 -1.86 48.75
N TYR A 540 -17.94 -1.15 47.60
CA TYR A 540 -17.60 -1.73 46.30
C TYR A 540 -16.20 -2.36 46.20
N ILE A 541 -15.27 -2.03 47.11
CA ILE A 541 -13.92 -2.60 47.14
C ILE A 541 -14.00 -4.08 47.49
N HIS A 542 -13.30 -4.93 46.71
CA HIS A 542 -13.23 -6.35 47.04
C HIS A 542 -12.01 -6.59 47.94
N SER A 543 -10.78 -6.56 47.36
CA SER A 543 -9.54 -6.77 48.12
C SER A 543 -8.43 -5.89 47.59
N LYS A 544 -7.40 -5.63 48.43
CA LYS A 544 -6.26 -4.84 47.96
C LYS A 544 -5.29 -5.73 47.19
N VAL A 545 -4.89 -5.25 46.01
CA VAL A 545 -4.02 -5.92 45.06
C VAL A 545 -2.68 -5.16 44.96
N LYS A 546 -1.59 -5.91 44.68
CA LYS A 546 -0.21 -5.44 44.51
C LYS A 546 0.02 -4.99 43.03
N VAL A 547 0.22 -3.67 42.79
CA VAL A 547 0.50 -3.10 41.45
C VAL A 547 1.79 -2.23 41.38
N ILE A 548 2.82 -2.84 40.75
CA ILE A 548 4.20 -2.40 40.53
C ILE A 548 4.39 -1.62 39.22
N TYR A 549 5.16 -0.51 39.27
CA TYR A 549 5.54 0.27 38.10
C TYR A 549 6.88 -0.33 37.63
N LYS A 550 6.89 -0.96 36.41
CA LYS A 550 8.07 -1.55 35.77
C LYS A 550 8.85 -0.40 35.12
N ALA A 551 9.39 0.51 35.97
CA ALA A 551 10.13 1.71 35.60
C ALA A 551 11.36 1.38 34.76
N PRO A 552 11.69 2.20 33.70
CA PRO A 552 12.91 1.89 32.92
C PRO A 552 14.17 2.08 33.76
N SER A 553 15.21 1.26 33.51
CA SER A 553 16.49 1.28 34.24
C SER A 553 17.25 2.59 34.10
N GLU A 554 18.35 2.71 34.88
CA GLU A 554 19.31 3.81 34.86
C GLU A 554 19.96 3.73 33.47
N ASN A 555 20.33 2.50 33.05
CA ASN A 555 20.89 2.23 31.73
C ASN A 555 19.93 1.38 30.88
N TRP A 556 18.80 2.00 30.46
CA TRP A 556 17.80 1.30 29.65
C TRP A 556 18.27 1.08 28.20
N ALA A 557 18.85 2.13 27.60
CA ALA A 557 19.32 2.15 26.21
C ALA A 557 20.39 1.09 25.90
N MET A 558 20.99 0.54 26.97
CA MET A 558 22.06 -0.44 26.86
C MET A 558 21.67 -1.88 27.22
N GLU A 559 20.39 -2.10 27.60
CA GLU A 559 19.84 -3.39 28.01
C GLU A 559 19.45 -4.41 26.91
N GLY A 560 19.31 -3.97 25.65
CA GLY A 560 18.90 -4.79 24.50
C GLY A 560 19.79 -5.97 24.18
N GLY A 561 19.54 -7.11 24.83
CA GLY A 561 20.31 -8.34 24.76
C GLY A 561 21.15 -8.64 25.99
N LYS A 575 4.42 -13.34 37.90
CA LYS A 575 4.25 -13.14 39.35
C LYS A 575 2.89 -12.49 39.73
N THR A 576 2.90 -11.14 39.89
CA THR A 576 1.75 -10.29 40.23
C THR A 576 1.59 -9.19 39.15
N TYR A 577 0.67 -8.24 39.37
CA TYR A 577 0.41 -7.14 38.45
C TYR A 577 1.53 -6.12 38.33
N PHE A 578 1.65 -5.56 37.12
CA PHE A 578 2.61 -4.51 36.80
C PHE A 578 2.06 -3.57 35.72
N PHE A 579 2.52 -2.33 35.73
CA PHE A 579 2.13 -1.34 34.75
C PHE A 579 3.36 -0.60 34.25
N GLN A 580 3.37 -0.24 32.97
CA GLN A 580 4.50 0.49 32.41
C GLN A 580 4.09 1.79 31.72
N LEU A 581 2.98 1.76 30.95
CA LEU A 581 2.58 2.95 30.18
C LEU A 581 1.12 3.40 30.33
N TRP A 582 0.82 4.62 29.83
CA TRP A 582 -0.47 5.29 29.78
C TRP A 582 -1.18 5.01 28.41
N TYR A 583 -2.44 4.54 28.42
CA TYR A 583 -3.21 4.19 27.22
C TYR A 583 -4.33 5.16 26.80
N ASN A 584 -4.18 5.83 25.66
CA ASN A 584 -5.24 6.67 25.13
C ASN A 584 -6.05 5.78 24.17
N GLN A 585 -7.24 5.33 24.62
CA GLN A 585 -8.12 4.44 23.85
C GLN A 585 -8.41 4.92 22.41
N GLU A 586 -8.87 6.17 22.27
CA GLU A 586 -9.30 6.84 21.04
C GLU A 586 -8.27 6.89 19.97
N TYR A 587 -6.99 7.09 20.36
CA TYR A 587 -5.85 7.24 19.45
C TYR A 587 -4.82 6.12 19.43
N ALA A 588 -5.01 5.08 20.29
CA ALA A 588 -4.12 3.94 20.48
C ALA A 588 -2.68 4.41 20.70
N ARG A 589 -2.53 5.31 21.71
CA ARG A 589 -1.22 5.86 22.07
C ARG A 589 -0.81 5.28 23.40
N PHE A 590 0.28 4.49 23.42
CA PHE A 590 0.85 3.98 24.67
C PHE A 590 1.93 4.98 24.99
N GLU A 591 1.85 5.65 26.13
CA GLU A 591 2.81 6.70 26.49
C GLU A 591 3.34 6.62 27.90
N SER A 592 4.46 7.30 28.15
CA SER A 592 5.13 7.37 29.46
C SER A 592 4.21 8.08 30.47
N PRO A 593 4.13 7.60 31.75
CA PRO A 593 3.28 8.29 32.74
C PRO A 593 3.81 9.68 33.13
N PRO A 594 2.93 10.63 33.53
CA PRO A 594 3.37 12.02 33.80
C PRO A 594 4.44 12.31 34.86
N LYS A 595 4.57 11.42 35.86
CA LYS A 595 5.50 11.47 37.00
C LYS A 595 5.90 12.86 37.66
N THR A 596 4.97 13.69 38.20
CA THR A 596 3.50 13.64 38.30
C THR A 596 2.93 15.10 38.34
N GLN A 597 2.97 15.90 39.47
CA GLN A 597 3.42 15.66 40.87
C GLN A 597 2.40 16.09 41.96
N PRO A 598 2.26 15.36 43.10
CA PRO A 598 1.31 15.80 44.13
C PRO A 598 1.87 16.92 45.02
N THR A 599 1.18 18.07 45.00
CA THR A 599 1.50 19.26 45.79
C THR A 599 0.89 19.03 47.19
N GLU A 600 1.37 19.74 48.23
CA GLU A 600 0.79 19.63 49.58
C GLU A 600 -0.67 20.12 49.55
N ASP A 601 -0.97 21.05 48.61
CA ASP A 601 -2.28 21.64 48.34
C ASP A 601 -3.31 20.61 47.79
N ASN A 602 -2.85 19.54 47.11
CA ASN A 602 -3.65 18.43 46.57
C ASN A 602 -2.90 17.07 46.68
N LYS A 603 -2.60 16.69 47.93
CA LYS A 603 -1.88 15.48 48.32
C LYS A 603 -2.90 14.41 48.72
N HIS A 604 -4.09 14.89 49.10
CA HIS A 604 -5.26 14.15 49.56
C HIS A 604 -6.19 13.73 48.41
N LYS A 605 -6.09 14.40 47.24
CA LYS A 605 -6.93 14.20 46.07
C LYS A 605 -6.23 13.61 44.82
N PHE A 606 -4.89 13.70 44.76
CA PHE A 606 -4.04 13.38 43.60
C PHE A 606 -4.43 12.29 42.58
N CYS A 607 -5.21 12.71 41.54
CA CYS A 607 -5.64 11.87 40.42
C CYS A 607 -5.18 12.41 39.09
N LEU A 608 -4.25 11.68 38.48
CA LEU A 608 -3.69 11.99 37.16
C LEU A 608 -4.80 12.02 36.08
N SER A 609 -5.77 11.09 36.19
CA SER A 609 -6.90 10.97 35.27
C SER A 609 -7.83 12.16 35.39
N CYS A 610 -7.87 12.78 36.58
CA CYS A 610 -8.67 13.97 36.80
C CYS A 610 -7.94 15.18 36.25
N ILE A 611 -6.61 15.29 36.50
CA ILE A 611 -5.76 16.37 35.99
C ILE A 611 -5.77 16.42 34.47
N ARG A 612 -5.71 15.23 33.82
CA ARG A 612 -5.77 15.13 32.37
C ARG A 612 -7.06 15.72 31.85
N LEU A 613 -8.22 15.26 32.33
CA LEU A 613 -9.48 15.80 31.87
C LEU A 613 -9.56 17.30 32.08
N ALA A 614 -8.97 17.82 33.18
CA ALA A 614 -8.97 19.25 33.50
C ALA A 614 -8.25 20.05 32.41
N GLU A 615 -6.95 19.70 32.12
CA GLU A 615 -6.11 20.33 31.08
C GLU A 615 -6.79 20.38 29.72
N LEU A 616 -7.44 19.26 29.33
CA LEU A 616 -8.14 19.17 28.07
C LEU A 616 -9.43 19.96 28.05
N ARG A 617 -10.16 20.07 29.19
CA ARG A 617 -11.36 20.90 29.25
C ARG A 617 -10.90 22.38 29.14
N GLN A 618 -9.77 22.68 29.79
CA GLN A 618 -9.14 24.00 29.85
C GLN A 618 -8.59 24.50 28.53
N LYS A 619 -7.99 23.60 27.72
CA LYS A 619 -7.47 23.91 26.39
C LYS A 619 -8.57 23.96 25.34
N GLU A 620 -9.64 23.16 25.52
CA GLU A 620 -10.78 23.10 24.59
C GLU A 620 -11.71 24.32 24.70
N MET A 621 -11.80 24.96 25.89
CA MET A 621 -12.68 26.12 26.11
C MET A 621 -12.23 27.45 25.46
N PRO A 622 -13.15 28.16 24.73
CA PRO A 622 -12.78 29.47 24.16
C PRO A 622 -12.77 30.55 25.26
N LYS A 623 -11.57 31.03 25.60
CA LYS A 623 -11.39 32.01 26.65
C LYS A 623 -10.88 33.36 26.12
N VAL A 624 -11.29 34.47 26.78
CA VAL A 624 -10.90 35.84 26.45
C VAL A 624 -9.66 36.23 27.21
N LEU A 625 -8.61 36.60 26.49
CA LEU A 625 -7.35 37.00 27.09
C LEU A 625 -7.39 38.44 27.61
N GLU A 626 -7.72 39.42 26.74
CA GLU A 626 -7.81 40.85 27.09
C GLU A 626 -9.01 41.49 26.40
N GLN A 627 -9.75 42.35 27.14
CA GLN A 627 -10.88 43.12 26.62
C GLN A 627 -10.54 44.62 26.62
N ILE A 628 -11.22 45.42 25.78
CA ILE A 628 -10.95 46.87 25.66
C ILE A 628 -12.07 47.75 26.30
N GLU A 629 -13.19 47.96 25.57
CA GLU A 629 -14.35 48.75 26.03
C GLU A 629 -15.65 48.16 25.48
N GLU A 630 -16.49 47.61 26.39
CA GLU A 630 -17.79 47.01 26.02
C GLU A 630 -18.76 48.02 25.43
N VAL A 631 -19.52 47.62 24.40
CA VAL A 631 -20.48 48.51 23.80
C VAL A 631 -21.88 48.20 24.33
N ASP A 632 -22.78 47.61 23.51
CA ASP A 632 -24.14 47.30 23.95
C ASP A 632 -24.09 46.06 24.86
N GLY A 633 -24.18 44.89 24.24
CA GLY A 633 -24.06 43.59 24.88
C GLY A 633 -22.79 42.93 24.39
N ARG A 634 -22.08 43.61 23.47
CA ARG A 634 -20.82 43.20 22.86
C ARG A 634 -19.67 43.77 23.68
N VAL A 635 -18.64 42.94 23.96
CA VAL A 635 -17.45 43.35 24.72
C VAL A 635 -16.24 43.22 23.77
N TYR A 636 -15.76 44.37 23.27
CA TYR A 636 -14.65 44.43 22.32
C TYR A 636 -13.31 44.06 22.94
N CYS A 637 -12.64 43.00 22.39
CA CYS A 637 -11.39 42.38 22.88
C CYS A 637 -10.17 42.57 22.00
N SER A 638 -8.97 42.56 22.63
CA SER A 638 -7.70 42.69 21.92
C SER A 638 -6.98 41.34 21.66
N SER A 639 -7.37 40.26 22.41
CA SER A 639 -6.84 38.88 22.31
C SER A 639 -7.75 37.83 22.95
N ILE A 640 -7.85 36.64 22.32
CA ILE A 640 -8.64 35.46 22.73
C ILE A 640 -7.86 34.15 22.51
N THR A 641 -8.38 32.99 23.01
CA THR A 641 -7.68 31.70 22.88
C THR A 641 -8.59 30.43 22.87
N LYS A 642 -8.06 29.33 22.28
CA LYS A 642 -8.60 27.95 22.22
C LYS A 642 -7.55 26.96 21.64
N ASN A 643 -7.62 25.69 22.07
CA ASN A 643 -6.73 24.57 21.69
C ASN A 643 -5.22 24.85 21.90
N GLY A 644 -4.92 25.84 22.73
CA GLY A 644 -3.55 26.26 23.03
C GLY A 644 -3.06 27.37 22.14
N VAL A 645 -3.88 27.72 21.13
CA VAL A 645 -3.60 28.76 20.12
C VAL A 645 -4.19 30.09 20.60
N VAL A 646 -3.35 31.16 20.62
CA VAL A 646 -3.73 32.51 21.07
C VAL A 646 -3.94 33.52 19.91
N TYR A 647 -5.21 33.90 19.68
CA TYR A 647 -5.66 34.78 18.60
C TYR A 647 -5.81 36.26 19.01
N ARG A 648 -4.89 37.14 18.56
CA ARG A 648 -4.90 38.59 18.82
C ARG A 648 -5.59 39.31 17.64
N LEU A 649 -5.65 40.66 17.68
CA LEU A 649 -6.25 41.45 16.60
C LEU A 649 -5.19 41.67 15.52
N GLY A 650 -5.61 41.49 14.26
CA GLY A 650 -4.72 41.59 13.10
C GLY A 650 -4.14 40.25 12.68
N ASP A 651 -4.24 39.25 13.58
CA ASP A 651 -3.79 37.88 13.35
C ASP A 651 -4.73 37.32 12.29
N SER A 652 -4.22 36.47 11.40
CA SER A 652 -5.09 35.92 10.37
C SER A 652 -5.65 34.57 10.81
N VAL A 653 -6.76 34.14 10.18
CA VAL A 653 -7.50 32.97 10.62
C VAL A 653 -7.96 31.99 9.51
N TYR A 654 -8.05 30.68 9.87
CA TYR A 654 -8.53 29.61 8.97
C TYR A 654 -9.98 29.37 9.25
N LEU A 655 -10.78 29.17 8.20
CA LEU A 655 -12.21 28.93 8.35
C LEU A 655 -12.72 27.98 7.28
N PRO A 656 -13.81 27.21 7.54
CA PRO A 656 -14.34 26.32 6.49
C PRO A 656 -14.87 27.08 5.27
N PRO A 657 -14.92 26.47 4.05
CA PRO A 657 -15.44 27.20 2.87
C PRO A 657 -16.87 27.78 2.98
N GLU A 658 -17.68 27.25 3.93
CA GLU A 658 -19.06 27.72 4.15
C GLU A 658 -19.14 29.01 4.97
N ALA A 659 -18.12 29.26 5.85
CA ALA A 659 -17.98 30.42 6.73
C ALA A 659 -18.30 31.77 6.12
N PHE A 660 -17.94 32.00 4.84
CA PHE A 660 -18.30 33.25 4.15
C PHE A 660 -18.51 33.14 2.64
N THR A 661 -18.57 34.27 1.93
CA THR A 661 -18.81 34.28 0.49
C THR A 661 -18.06 35.38 -0.27
N PHE A 662 -17.91 35.21 -1.58
CA PHE A 662 -17.26 36.20 -2.43
C PHE A 662 -18.25 36.65 -3.53
N ASN A 663 -17.81 37.63 -4.38
CA ASN A 663 -18.56 38.13 -5.54
C ASN A 663 -18.50 37.05 -6.63
N ILE A 664 -19.64 36.38 -6.81
CA ILE A 664 -19.86 35.25 -7.72
C ILE A 664 -20.09 35.69 -9.19
N LYS A 665 -19.90 34.73 -10.12
CA LYS A 665 -20.03 34.90 -11.56
C LYS A 665 -21.25 34.17 -12.14
N LYS A 674 -25.97 18.65 -26.04
CA LYS A 674 -26.06 17.56 -25.05
C LYS A 674 -24.91 16.57 -25.20
N LYS A 675 -24.76 15.99 -26.42
CA LYS A 675 -23.75 15.05 -26.94
C LYS A 675 -24.34 14.26 -28.13
N ASP A 676 -23.70 14.39 -29.32
CA ASP A 676 -24.17 13.76 -30.56
C ASP A 676 -23.63 12.32 -30.84
N PRO A 677 -24.29 11.52 -31.74
CA PRO A 677 -23.88 10.12 -31.92
C PRO A 677 -22.51 9.86 -32.50
N VAL A 678 -21.88 8.80 -31.97
CA VAL A 678 -20.58 8.23 -32.31
C VAL A 678 -20.72 7.19 -33.43
N ASN A 679 -19.68 7.04 -34.27
CA ASN A 679 -19.64 6.02 -35.32
C ASN A 679 -19.10 4.77 -34.66
N GLU A 680 -20.03 3.89 -34.30
CA GLU A 680 -19.77 2.65 -33.61
C GLU A 680 -19.10 1.59 -34.44
N THR A 681 -18.95 1.81 -35.78
CA THR A 681 -18.24 0.86 -36.64
C THR A 681 -16.79 1.09 -36.41
N LEU A 682 -16.44 2.37 -36.38
CA LEU A 682 -15.11 2.85 -36.09
C LEU A 682 -14.79 2.69 -34.58
N TYR A 683 -15.78 2.94 -33.70
CA TYR A 683 -15.59 2.83 -32.25
C TYR A 683 -16.49 1.75 -31.58
N PRO A 684 -16.29 0.44 -31.89
CA PRO A 684 -17.15 -0.59 -31.31
C PRO A 684 -17.25 -0.64 -29.80
N GLU A 685 -16.16 -0.28 -29.08
CA GLU A 685 -16.05 -0.36 -27.63
C GLU A 685 -16.41 0.88 -26.78
N HIS A 686 -16.68 2.02 -27.45
CA HIS A 686 -17.02 3.29 -26.84
C HIS A 686 -18.24 3.17 -25.94
N TYR A 687 -19.19 2.26 -26.26
CA TYR A 687 -20.44 2.07 -25.51
C TYR A 687 -20.20 1.70 -24.07
N ARG A 688 -19.03 1.11 -23.79
CA ARG A 688 -18.63 0.68 -22.45
C ARG A 688 -18.29 1.89 -21.58
N LYS A 689 -18.02 3.07 -22.21
CA LYS A 689 -17.66 4.33 -21.54
C LYS A 689 -18.71 4.77 -20.56
N TYR A 690 -19.94 4.42 -20.83
CA TYR A 690 -21.08 4.51 -19.95
C TYR A 690 -22.24 3.76 -20.57
N SER A 691 -22.64 2.59 -19.98
CA SER A 691 -22.08 2.02 -18.74
C SER A 691 -21.68 0.56 -18.89
N LEU A 699 -16.80 11.55 -5.18
CA LEU A 699 -16.74 12.95 -4.75
C LEU A 699 -15.32 13.52 -4.66
N ASP A 700 -15.13 14.71 -5.27
CA ASP A 700 -13.87 15.45 -5.35
C ASP A 700 -13.53 16.23 -4.07
N ALA A 701 -12.26 16.68 -3.98
CA ALA A 701 -11.67 17.40 -2.85
C ALA A 701 -12.41 18.68 -2.48
N PRO A 702 -12.56 18.96 -1.16
CA PRO A 702 -13.16 20.25 -0.73
C PRO A 702 -12.33 21.44 -1.19
N GLU A 703 -12.77 22.64 -0.83
CA GLU A 703 -12.00 23.83 -1.18
C GLU A 703 -11.04 24.05 -0.04
N PRO A 704 -9.79 24.54 -0.27
CA PRO A 704 -8.94 24.88 0.88
C PRO A 704 -9.59 25.95 1.79
N TYR A 705 -9.13 26.06 3.03
CA TYR A 705 -9.65 27.01 4.03
C TYR A 705 -9.89 28.43 3.52
N ARG A 706 -10.88 29.11 4.11
CA ARG A 706 -11.16 30.52 3.86
C ARG A 706 -10.18 31.27 4.78
N ILE A 707 -9.44 32.23 4.23
CA ILE A 707 -8.49 32.97 5.06
C ILE A 707 -9.00 34.40 5.25
N GLY A 708 -8.98 34.87 6.50
CA GLY A 708 -9.41 36.21 6.88
C GLY A 708 -8.56 36.79 7.99
N ARG A 709 -8.30 38.11 7.93
CA ARG A 709 -7.52 38.87 8.93
C ARG A 709 -8.49 39.40 10.00
N ILE A 710 -8.09 39.35 11.28
CA ILE A 710 -8.98 39.83 12.34
C ILE A 710 -9.00 41.37 12.46
N LYS A 711 -10.20 41.97 12.29
CA LYS A 711 -10.46 43.40 12.38
C LYS A 711 -11.06 43.76 13.76
N GLU A 712 -12.12 43.04 14.17
CA GLU A 712 -12.83 43.26 15.42
C GLU A 712 -13.21 41.96 16.12
N ILE A 713 -12.81 41.79 17.41
CA ILE A 713 -13.22 40.64 18.23
C ILE A 713 -14.32 41.26 19.12
N HIS A 714 -15.58 41.19 18.67
CA HIS A 714 -16.68 41.84 19.38
C HIS A 714 -17.42 41.03 20.44
N CYS A 715 -17.75 39.76 20.14
CA CYS A 715 -18.47 38.81 21.02
C CYS A 715 -19.92 39.24 21.48
N GLY A 716 -20.40 38.62 22.56
CA GLY A 716 -21.71 38.87 23.15
C GLY A 716 -21.68 38.64 24.65
N LYS A 717 -22.85 38.77 25.32
CA LYS A 717 -22.97 38.60 26.77
C LYS A 717 -24.26 37.92 27.26
N LYS A 718 -24.13 37.24 28.39
CA LYS A 718 -25.21 36.57 29.14
C LYS A 718 -25.04 37.00 30.61
N LYS A 719 -26.16 37.01 31.39
CA LYS A 719 -26.17 37.40 32.81
C LYS A 719 -25.51 38.77 33.03
N GLY A 720 -24.35 38.78 33.70
CA GLY A 720 -23.59 39.99 34.01
C GLY A 720 -22.19 40.03 33.45
N LYS A 721 -21.54 38.85 33.35
CA LYS A 721 -20.17 38.70 32.84
C LYS A 721 -20.16 38.01 31.45
N VAL A 722 -19.11 38.30 30.66
CA VAL A 722 -18.83 37.82 29.29
C VAL A 722 -19.23 36.39 28.94
N ASN A 723 -20.01 36.23 27.84
CA ASN A 723 -20.46 34.93 27.32
C ASN A 723 -19.38 34.35 26.40
N GLU A 724 -18.70 33.30 26.89
CA GLU A 724 -17.63 32.64 26.15
C GLU A 724 -18.22 31.82 24.99
N ALA A 725 -19.47 31.36 25.16
CA ALA A 725 -20.25 30.58 24.19
C ALA A 725 -20.45 31.37 22.91
N ASP A 726 -20.35 32.70 23.01
CA ASP A 726 -20.52 33.60 21.88
C ASP A 726 -19.39 34.61 21.78
N ILE A 727 -18.35 34.26 21.01
CA ILE A 727 -17.23 35.13 20.66
C ILE A 727 -17.29 35.22 19.15
N LYS A 728 -17.38 36.43 18.62
CA LYS A 728 -17.49 36.65 17.18
C LYS A 728 -16.32 37.47 16.60
N LEU A 729 -16.07 37.33 15.28
CA LEU A 729 -14.97 38.03 14.62
C LEU A 729 -15.38 38.68 13.32
N ARG A 730 -15.00 39.95 13.18
CA ARG A 730 -15.22 40.73 11.96
C ARG A 730 -13.88 40.65 11.23
N LEU A 731 -13.92 40.24 9.96
CA LEU A 731 -12.69 40.03 9.20
C LEU A 731 -12.68 40.65 7.83
N TYR A 732 -11.46 41.00 7.38
CA TYR A 732 -11.19 41.46 6.01
C TYR A 732 -10.93 40.16 5.26
N LYS A 733 -11.75 39.86 4.24
CA LYS A 733 -11.63 38.63 3.46
C LYS A 733 -10.40 38.67 2.55
N PHE A 734 -9.73 37.52 2.37
CA PHE A 734 -8.63 37.36 1.44
C PHE A 734 -9.12 36.47 0.30
N TYR A 735 -8.64 36.72 -0.92
CA TYR A 735 -9.02 35.89 -2.07
C TYR A 735 -7.84 35.05 -2.46
N ARG A 736 -8.07 33.77 -2.71
CA ARG A 736 -7.02 32.93 -3.26
C ARG A 736 -7.10 33.25 -4.79
N PRO A 737 -6.04 33.17 -5.62
CA PRO A 737 -6.20 33.49 -7.06
C PRO A 737 -7.41 32.84 -7.77
N GLU A 738 -7.78 31.60 -7.37
CA GLU A 738 -8.91 30.82 -7.87
C GLU A 738 -10.24 31.39 -7.40
N ASN A 739 -10.24 32.18 -6.32
CA ASN A 739 -11.44 32.78 -5.77
C ASN A 739 -11.89 34.01 -6.61
N THR A 740 -10.94 34.55 -7.38
CA THR A 740 -10.99 35.67 -8.31
C THR A 740 -11.65 35.22 -9.64
N HIS A 741 -11.89 36.20 -10.55
CA HIS A 741 -12.42 35.98 -11.90
C HIS A 741 -11.41 35.19 -12.71
N ARG A 742 -10.28 34.83 -12.08
CA ARG A 742 -9.20 34.06 -12.67
C ARG A 742 -9.56 32.59 -12.61
N SER A 743 -10.22 32.21 -11.50
CA SER A 743 -10.61 30.84 -11.17
C SER A 743 -9.49 29.83 -11.49
N TYR A 744 -9.78 28.75 -12.23
CA TYR A 744 -8.83 27.71 -12.60
C TYR A 744 -7.47 28.22 -13.15
N ASN A 745 -7.47 29.30 -13.97
CA ASN A 745 -6.25 29.93 -14.54
C ASN A 745 -5.37 30.65 -13.48
N GLY A 746 -5.97 30.94 -12.32
CA GLY A 746 -5.26 31.53 -11.20
C GLY A 746 -4.34 30.46 -10.68
N SER A 747 -4.94 29.39 -10.14
CA SER A 747 -4.30 28.21 -9.56
C SER A 747 -3.06 27.62 -10.28
N TYR A 748 -2.84 27.91 -11.59
CA TYR A 748 -1.71 27.28 -12.32
C TYR A 748 -0.30 27.75 -11.95
N HIS A 749 0.17 28.82 -12.58
CA HIS A 749 1.54 29.31 -12.37
C HIS A 749 1.72 29.98 -11.03
N THR A 750 0.63 30.38 -10.42
CA THR A 750 0.59 31.05 -9.13
C THR A 750 1.21 30.20 -8.00
N ASP A 751 1.75 30.87 -6.98
CA ASP A 751 2.29 30.25 -5.79
C ASP A 751 1.13 29.67 -5.02
N ILE A 752 1.32 28.49 -4.41
CA ILE A 752 0.27 27.81 -3.65
C ILE A 752 -0.19 28.65 -2.45
N ASN A 753 0.76 29.46 -1.98
CA ASN A 753 0.96 30.30 -0.82
C ASN A 753 0.45 31.75 -0.92
N MET A 754 0.19 32.23 -2.16
CA MET A 754 -0.23 33.60 -2.44
C MET A 754 -1.73 33.82 -2.33
N LEU A 755 -2.08 35.00 -1.81
CA LEU A 755 -3.44 35.47 -1.62
C LEU A 755 -3.52 36.88 -2.17
N TYR A 756 -4.72 37.45 -2.05
CA TYR A 756 -5.06 38.79 -2.47
C TYR A 756 -5.78 39.49 -1.34
N TRP A 757 -5.41 40.75 -1.07
CA TRP A 757 -6.08 41.55 -0.06
C TRP A 757 -7.45 41.97 -0.61
N SER A 758 -8.46 41.96 0.26
CA SER A 758 -9.79 42.45 -0.11
C SER A 758 -10.31 43.37 0.98
N ASP A 759 -10.97 44.47 0.56
CA ASP A 759 -11.57 45.41 1.50
C ASP A 759 -12.96 44.91 1.93
N GLU A 760 -13.35 43.68 1.49
CA GLU A 760 -14.60 42.99 1.82
C GLU A 760 -14.63 42.65 3.29
N GLU A 761 -15.83 42.50 3.86
CA GLU A 761 -15.95 42.17 5.28
C GLU A 761 -16.94 41.07 5.60
N ALA A 762 -16.63 40.31 6.65
CA ALA A 762 -17.46 39.20 7.08
C ALA A 762 -17.40 39.02 8.58
N VAL A 763 -18.47 38.44 9.14
CA VAL A 763 -18.62 38.12 10.56
C VAL A 763 -18.87 36.63 10.74
N VAL A 764 -18.01 35.99 11.52
CA VAL A 764 -18.10 34.57 11.86
C VAL A 764 -17.91 34.38 13.37
N ASN A 765 -18.40 33.26 13.88
CA ASN A 765 -18.27 32.89 15.28
C ASN A 765 -16.84 32.36 15.50
N PHE A 766 -16.32 32.44 16.75
CA PHE A 766 -14.99 31.92 17.10
C PHE A 766 -14.95 30.38 17.04
N SER A 767 -16.12 29.71 17.07
CA SER A 767 -16.27 28.26 16.97
C SER A 767 -15.70 27.79 15.64
N ASP A 768 -16.24 28.35 14.53
CA ASP A 768 -15.88 28.08 13.13
C ASP A 768 -14.39 28.12 12.87
N VAL A 769 -13.65 29.02 13.55
CA VAL A 769 -12.19 29.14 13.40
C VAL A 769 -11.49 27.81 13.54
N GLN A 770 -10.83 27.43 12.44
CA GLN A 770 -10.07 26.20 12.27
C GLN A 770 -8.65 26.34 12.78
N GLY A 771 -8.05 27.51 12.61
CA GLY A 771 -6.70 27.75 13.08
C GLY A 771 -6.16 29.15 12.85
N ARG A 772 -4.89 29.32 13.18
CA ARG A 772 -4.23 30.60 13.02
C ARG A 772 -3.17 30.44 11.94
N CYS A 773 -3.03 31.47 11.08
CA CYS A 773 -2.04 31.51 10.01
C CYS A 773 -1.34 32.87 9.97
N THR A 774 -0.36 33.02 9.09
CA THR A 774 0.42 34.25 8.96
C THR A 774 0.34 34.79 7.54
N VAL A 775 -0.43 35.87 7.41
CA VAL A 775 -0.57 36.56 6.13
C VAL A 775 0.23 37.86 6.22
N GLU A 776 1.31 37.95 5.42
CA GLU A 776 2.14 39.14 5.39
C GLU A 776 2.04 39.84 4.04
N TYR A 777 2.36 41.14 4.02
CA TYR A 777 2.37 41.92 2.78
C TYR A 777 3.76 41.81 2.22
N GLY A 778 3.82 41.35 0.96
CA GLY A 778 5.02 41.12 0.18
C GLY A 778 6.12 42.15 0.30
N GLU A 779 5.78 43.44 0.13
CA GLU A 779 6.77 44.52 0.18
C GLU A 779 7.42 44.79 1.53
N ASP A 780 6.63 44.80 2.64
CA ASP A 780 7.21 44.97 3.97
C ASP A 780 7.78 43.64 4.56
N LEU A 781 8.67 42.97 3.81
CA LEU A 781 9.31 41.71 4.22
C LEU A 781 10.81 41.87 4.20
N LEU A 782 11.49 41.35 5.23
CA LEU A 782 12.95 41.50 5.34
C LEU A 782 13.80 40.40 4.71
N GLU A 783 13.19 39.21 4.46
CA GLU A 783 13.76 38.05 3.75
C GLU A 783 12.95 37.86 2.47
N SER A 784 13.47 37.06 1.51
CA SER A 784 12.78 36.76 0.25
C SER A 784 11.44 36.03 0.49
N ILE A 785 10.48 36.18 -0.46
CA ILE A 785 9.18 35.52 -0.40
C ILE A 785 9.40 34.03 -0.23
N GLN A 786 10.36 33.46 -0.99
CA GLN A 786 10.74 32.04 -0.89
C GLN A 786 11.16 31.73 0.56
N ASP A 787 12.16 32.49 1.08
CA ASP A 787 12.73 32.38 2.43
C ASP A 787 11.69 32.47 3.51
N TYR A 788 10.78 33.46 3.40
CA TYR A 788 9.70 33.65 4.37
C TYR A 788 8.76 32.47 4.36
N SER A 789 8.38 32.02 3.15
CA SER A 789 7.43 30.95 2.91
C SER A 789 7.93 29.60 3.31
N GLN A 790 9.17 29.26 2.91
CA GLN A 790 9.79 28.00 3.29
C GLN A 790 10.59 28.14 4.59
N GLY A 791 10.07 28.95 5.52
CA GLY A 791 10.69 29.23 6.80
C GLY A 791 9.79 28.98 8.01
N GLY A 792 8.64 28.34 7.77
CA GLY A 792 7.68 28.03 8.82
C GLY A 792 6.29 27.65 8.35
N PRO A 793 5.43 27.15 9.27
CA PRO A 793 4.08 26.71 8.86
C PRO A 793 3.07 27.85 8.72
N ASP A 794 1.97 27.57 7.98
CA ASP A 794 0.81 28.44 7.74
C ASP A 794 1.17 29.88 7.29
N ARG A 795 2.34 30.02 6.66
CA ARG A 795 2.83 31.30 6.18
C ARG A 795 2.35 31.57 4.76
N PHE A 796 1.41 32.54 4.62
CA PHE A 796 0.82 33.02 3.35
C PHE A 796 1.33 34.43 3.03
N TYR A 797 0.93 35.00 1.87
CA TYR A 797 1.33 36.36 1.50
C TYR A 797 0.43 37.00 0.44
N PHE A 798 0.45 38.34 0.36
CA PHE A 798 -0.28 39.13 -0.63
C PHE A 798 0.59 40.28 -1.11
N LEU A 799 0.52 40.61 -2.40
CA LEU A 799 1.31 41.70 -2.97
C LEU A 799 0.43 42.81 -3.53
N GLU A 800 -0.79 42.44 -3.92
CA GLU A 800 -1.80 43.30 -4.52
C GLU A 800 -3.12 43.09 -3.82
N ALA A 801 -4.08 43.98 -4.08
CA ALA A 801 -5.43 43.89 -3.57
C ALA A 801 -6.40 43.74 -4.75
N TYR A 802 -7.50 43.02 -4.52
CA TYR A 802 -8.50 42.75 -5.56
C TYR A 802 -9.84 43.52 -5.35
N ASN A 803 -10.24 44.29 -6.38
CA ASN A 803 -11.54 44.96 -6.38
C ASN A 803 -12.49 44.01 -7.11
N SER A 804 -13.37 43.36 -6.34
CA SER A 804 -14.34 42.37 -6.84
C SER A 804 -15.33 42.97 -7.85
N LYS A 805 -15.67 44.26 -7.66
CA LYS A 805 -16.58 45.07 -8.48
C LYS A 805 -15.94 45.38 -9.84
N THR A 806 -14.85 46.18 -9.86
CA THR A 806 -14.16 46.55 -11.11
C THR A 806 -13.37 45.38 -11.74
N LYS A 807 -13.11 44.29 -10.95
CA LYS A 807 -12.33 43.11 -11.33
C LYS A 807 -10.90 43.56 -11.66
N ASN A 808 -10.31 44.37 -10.74
CA ASN A 808 -8.96 44.94 -10.90
C ASN A 808 -8.04 44.70 -9.72
N PHE A 809 -6.72 44.90 -9.96
CA PHE A 809 -5.66 44.70 -8.98
C PHE A 809 -4.92 45.99 -8.62
N GLU A 810 -5.48 46.72 -7.64
CA GLU A 810 -4.90 47.95 -7.10
C GLU A 810 -3.85 47.56 -6.05
N ASP A 811 -3.02 48.53 -5.64
CA ASP A 811 -2.05 48.32 -4.57
C ASP A 811 -2.89 48.20 -3.25
N PRO A 812 -2.44 47.49 -2.19
CA PRO A 812 -3.29 47.39 -1.00
C PRO A 812 -3.33 48.66 -0.14
N PRO A 813 -4.38 48.86 0.69
CA PRO A 813 -4.40 50.02 1.60
C PRO A 813 -3.28 49.97 2.64
N ASN A 814 -3.04 51.07 3.37
CA ASN A 814 -1.95 51.11 4.36
C ASN A 814 -2.23 50.39 5.72
N HIS A 815 -3.48 50.01 5.99
CA HIS A 815 -3.82 49.27 7.22
C HIS A 815 -3.64 47.76 7.00
N ALA A 816 -3.51 47.37 5.72
CA ALA A 816 -3.24 46.00 5.26
C ALA A 816 -1.75 45.71 5.46
N ARG A 817 -0.92 46.79 5.51
CA ARG A 817 0.54 46.74 5.75
C ARG A 817 0.86 46.43 7.23
N SER A 818 2.09 45.95 7.48
CA SER A 818 2.66 45.58 8.79
C SER A 818 2.58 46.72 9.81
N LYS A 848 20.15 25.33 19.01
CA LYS A 848 19.97 24.74 17.69
C LYS A 848 19.09 23.46 17.72
N LEU A 849 18.69 22.95 16.53
CA LEU A 849 17.87 21.74 16.41
C LEU A 849 18.80 20.51 16.26
N PRO A 850 18.73 19.55 17.22
CA PRO A 850 19.57 18.35 17.13
C PRO A 850 19.23 17.38 15.97
N LYS A 851 20.18 17.15 15.08
CA LYS A 851 20.04 16.22 13.95
C LYS A 851 20.42 14.83 14.44
N LEU A 852 19.39 14.00 14.71
CA LEU A 852 19.46 12.61 15.17
C LEU A 852 20.30 11.71 14.23
N ARG A 853 21.17 10.85 14.81
CA ARG A 853 22.00 9.89 14.08
C ARG A 853 21.09 8.72 13.70
N THR A 854 20.65 8.74 12.43
CA THR A 854 19.69 7.79 11.87
C THR A 854 20.31 6.61 11.17
N LEU A 855 19.76 5.42 11.45
CA LEU A 855 20.02 4.16 10.78
C LEU A 855 18.71 3.84 9.98
N ASP A 856 18.78 3.90 8.63
CA ASP A 856 17.65 3.64 7.74
C ASP A 856 17.74 2.25 7.17
N VAL A 857 17.10 1.26 7.84
CA VAL A 857 17.06 -0.13 7.36
C VAL A 857 16.05 -0.20 6.20
N PHE A 858 16.34 -1.04 5.17
CA PHE A 858 15.57 -1.24 3.91
C PHE A 858 15.54 0.11 3.22
N SER A 859 16.65 0.84 3.31
CA SER A 859 16.86 2.21 2.87
C SER A 859 16.39 2.65 1.49
N GLY A 860 16.36 1.72 0.51
CA GLY A 860 16.02 2.02 -0.87
C GLY A 860 16.93 3.08 -1.46
N CYS A 861 16.39 3.91 -2.38
CA CYS A 861 17.11 5.02 -3.00
C CYS A 861 17.13 6.26 -2.09
N GLY A 862 16.44 6.18 -0.95
CA GLY A 862 16.44 7.17 0.13
C GLY A 862 15.35 8.20 0.33
N GLY A 863 14.14 7.94 -0.17
CA GLY A 863 13.01 8.85 -0.03
C GLY A 863 12.73 9.31 1.39
N LEU A 864 12.50 8.34 2.31
CA LEU A 864 12.19 8.61 3.72
C LEU A 864 13.32 9.41 4.39
N SER A 865 14.58 9.00 4.16
CA SER A 865 15.76 9.71 4.67
C SER A 865 15.75 11.15 4.18
N GLU A 866 15.38 11.36 2.90
CA GLU A 866 15.32 12.66 2.26
C GLU A 866 14.35 13.63 2.92
N GLY A 867 13.11 13.19 3.20
CA GLY A 867 12.10 14.00 3.85
C GLY A 867 12.51 14.33 5.27
N PHE A 868 13.14 13.35 5.94
CA PHE A 868 13.68 13.48 7.29
C PHE A 868 14.82 14.50 7.27
N HIS A 869 15.77 14.37 6.30
CA HIS A 869 16.88 15.29 6.09
C HIS A 869 16.30 16.68 5.85
N GLN A 870 15.23 16.77 5.05
CA GLN A 870 14.50 17.99 4.73
C GLN A 870 13.91 18.64 5.97
N ALA A 871 13.41 17.84 6.94
CA ALA A 871 12.87 18.35 8.20
C ALA A 871 13.98 18.91 9.16
N GLY A 872 15.25 18.70 8.79
CA GLY A 872 16.43 19.15 9.52
C GLY A 872 16.59 18.52 10.89
N ILE A 873 15.95 17.37 11.09
CA ILE A 873 15.90 16.62 12.35
C ILE A 873 16.78 15.39 12.32
N SER A 874 17.43 15.12 11.18
CA SER A 874 18.23 13.92 11.10
C SER A 874 19.48 14.04 10.22
N GLU A 875 20.29 12.98 10.28
CA GLU A 875 21.49 12.74 9.50
C GLU A 875 21.63 11.23 9.46
N THR A 876 21.30 10.63 8.30
CA THR A 876 21.42 9.19 8.09
C THR A 876 22.91 8.92 7.93
N LEU A 877 23.49 8.22 8.91
CA LEU A 877 24.90 7.85 8.87
C LEU A 877 25.06 6.41 8.43
N TRP A 878 24.02 5.59 8.64
CA TRP A 878 24.00 4.20 8.20
C TRP A 878 22.71 3.86 7.49
N ALA A 879 22.84 3.11 6.38
CA ALA A 879 21.73 2.65 5.57
C ALA A 879 21.98 1.20 5.12
N ILE A 880 20.99 0.33 5.31
CA ILE A 880 21.09 -1.07 4.88
C ILE A 880 20.12 -1.30 3.69
N GLU A 881 20.66 -1.72 2.52
CA GLU A 881 19.90 -1.94 1.29
C GLU A 881 20.48 -3.15 0.58
N MET A 882 19.69 -4.24 0.50
CA MET A 882 20.09 -5.51 -0.07
C MET A 882 20.31 -5.46 -1.55
N TRP A 883 19.54 -4.60 -2.25
CA TRP A 883 19.56 -4.44 -3.70
C TRP A 883 20.59 -3.41 -4.19
N ASP A 884 21.57 -3.89 -4.98
CA ASP A 884 22.64 -3.03 -5.49
C ASP A 884 22.21 -1.66 -6.10
N PRO A 885 21.30 -1.59 -7.13
CA PRO A 885 20.91 -0.27 -7.70
C PRO A 885 20.43 0.75 -6.67
N ALA A 886 19.51 0.34 -5.75
CA ALA A 886 18.98 1.25 -4.73
C ALA A 886 20.09 1.78 -3.85
N ALA A 887 20.92 0.89 -3.30
CA ALA A 887 22.04 1.26 -2.43
C ALA A 887 22.99 2.24 -3.11
N GLN A 888 23.21 2.04 -4.42
CA GLN A 888 24.06 2.92 -5.20
C GLN A 888 23.40 4.29 -5.30
N ALA A 889 22.09 4.35 -5.67
CA ALA A 889 21.31 5.58 -5.72
C ALA A 889 21.29 6.34 -4.35
N PHE A 890 21.29 5.59 -3.21
CA PHE A 890 21.31 6.17 -1.87
C PHE A 890 22.61 6.95 -1.68
N ARG A 891 23.78 6.30 -1.98
CA ARG A 891 25.16 6.82 -1.88
C ARG A 891 25.32 8.11 -2.65
N LEU A 892 24.77 8.12 -3.87
CA LEU A 892 24.84 9.22 -4.82
C LEU A 892 24.20 10.48 -4.27
N ASN A 893 23.23 10.30 -3.35
CA ASN A 893 22.45 11.35 -2.70
C ASN A 893 22.84 11.62 -1.27
N ASN A 894 23.51 10.65 -0.65
CA ASN A 894 23.94 10.78 0.74
C ASN A 894 25.41 10.36 0.83
N PRO A 895 26.31 11.32 0.45
CA PRO A 895 27.76 11.04 0.41
C PRO A 895 28.42 10.65 1.74
N GLY A 896 27.96 11.21 2.85
CA GLY A 896 28.53 10.88 4.16
C GLY A 896 27.77 9.78 4.87
N THR A 897 27.32 8.77 4.13
CA THR A 897 26.56 7.68 4.71
C THR A 897 27.19 6.34 4.43
N THR A 898 27.30 5.51 5.47
CA THR A 898 27.82 4.17 5.28
C THR A 898 26.64 3.35 4.77
N VAL A 899 26.63 3.11 3.43
CA VAL A 899 25.57 2.32 2.85
C VAL A 899 26.07 0.89 2.77
N PHE A 900 25.43 0.00 3.57
CA PHE A 900 25.76 -1.42 3.57
C PHE A 900 24.86 -2.14 2.57
N THR A 901 25.39 -2.50 1.38
CA THR A 901 24.62 -3.24 0.40
C THR A 901 24.54 -4.72 0.82
N GLU A 902 23.74 -4.95 1.86
CA GLU A 902 23.60 -6.21 2.57
C GLU A 902 22.15 -6.52 2.93
N ASP A 903 21.91 -7.80 3.32
CA ASP A 903 20.67 -8.33 3.88
C ASP A 903 20.74 -7.95 5.39
N CYS A 904 19.77 -7.17 5.88
CA CYS A 904 19.73 -6.68 7.27
C CYS A 904 19.99 -7.75 8.32
N ASN A 905 19.45 -8.98 8.11
CA ASN A 905 19.63 -10.12 9.03
C ASN A 905 21.11 -10.44 9.29
N VAL A 906 21.93 -10.53 8.22
CA VAL A 906 23.36 -10.82 8.35
C VAL A 906 24.11 -9.68 9.03
N LEU A 907 23.72 -8.45 8.74
CA LEU A 907 24.35 -7.28 9.32
C LEU A 907 24.19 -7.19 10.83
N LEU A 908 23.01 -7.55 11.35
CA LEU A 908 22.76 -7.46 12.79
C LEU A 908 23.53 -8.53 13.51
N LYS A 909 23.54 -9.76 12.91
CA LYS A 909 24.24 -10.94 13.43
C LYS A 909 25.69 -10.60 13.75
N LEU A 910 26.38 -9.86 12.85
CA LEU A 910 27.76 -9.41 13.01
C LEU A 910 27.94 -8.53 14.24
N VAL A 911 27.21 -7.41 14.31
CA VAL A 911 27.20 -6.45 15.44
C VAL A 911 27.07 -7.25 16.77
N MET A 912 26.07 -8.16 16.78
CA MET A 912 25.72 -9.07 17.86
C MET A 912 26.83 -10.03 18.18
N ALA A 913 27.55 -10.51 17.13
CA ALA A 913 28.70 -11.42 17.27
C ALA A 913 29.92 -10.67 17.89
N GLY A 914 29.84 -9.34 17.97
CA GLY A 914 30.86 -8.47 18.54
C GLY A 914 31.73 -7.74 17.54
N GLU A 915 31.44 -7.97 16.23
CA GLU A 915 32.17 -7.42 15.07
C GLU A 915 32.25 -5.92 15.07
N VAL A 916 33.35 -5.39 14.51
CA VAL A 916 33.58 -3.95 14.47
C VAL A 916 33.29 -3.39 13.07
N THR A 917 33.73 -4.10 12.03
CA THR A 917 33.49 -3.69 10.66
C THR A 917 32.96 -4.88 9.81
N ASN A 918 32.42 -4.59 8.60
CA ASN A 918 31.95 -5.64 7.69
C ASN A 918 33.16 -6.17 6.86
N SER A 919 32.93 -7.18 6.01
CA SER A 919 33.93 -7.77 5.12
C SER A 919 34.70 -6.67 4.37
N LEU A 920 33.97 -5.67 3.83
CA LEU A 920 34.45 -4.54 3.03
C LEU A 920 35.07 -3.44 3.92
N GLY A 921 35.34 -3.77 5.17
CA GLY A 921 35.94 -2.86 6.15
C GLY A 921 35.11 -1.65 6.50
N GLN A 922 33.78 -1.74 6.40
CA GLN A 922 32.90 -0.62 6.73
C GLN A 922 32.50 -0.71 8.19
N ARG A 923 32.70 0.37 8.97
CA ARG A 923 32.34 0.43 10.39
C ARG A 923 30.82 0.18 10.67
N LEU A 924 30.52 -0.94 11.35
CA LEU A 924 29.17 -1.34 11.74
C LEU A 924 28.75 -0.49 12.93
N PRO A 925 27.50 0.02 12.97
CA PRO A 925 27.10 0.82 14.15
C PRO A 925 26.92 -0.06 15.39
N GLN A 926 27.37 0.43 16.55
CA GLN A 926 27.23 -0.25 17.85
C GLN A 926 26.20 0.51 18.72
N LYS A 927 25.79 -0.09 19.86
CA LYS A 927 24.82 0.54 20.77
C LYS A 927 25.29 1.96 21.10
N GLY A 928 24.34 2.90 21.14
CA GLY A 928 24.62 4.31 21.41
C GLY A 928 24.82 5.14 20.16
N ASP A 929 25.29 4.52 19.05
CA ASP A 929 25.53 5.23 17.78
C ASP A 929 24.24 5.68 17.16
N VAL A 930 23.22 4.82 17.22
CA VAL A 930 21.90 5.08 16.62
C VAL A 930 20.95 5.82 17.58
N GLU A 931 20.54 7.03 17.17
CA GLU A 931 19.61 7.88 17.87
C GLU A 931 18.20 7.65 17.30
N MET A 932 18.11 7.42 15.97
CA MET A 932 16.86 7.14 15.29
C MET A 932 16.98 5.94 14.36
N LEU A 933 16.06 4.97 14.48
CA LEU A 933 16.03 3.77 13.63
C LEU A 933 14.74 3.80 12.83
N CYS A 934 14.83 4.03 11.51
CA CYS A 934 13.65 4.09 10.63
C CYS A 934 13.74 3.07 9.49
N GLY A 935 12.60 2.63 8.98
CA GLY A 935 12.58 1.64 7.90
C GLY A 935 11.23 1.23 7.35
N GLY A 936 11.24 0.87 6.08
CA GLY A 936 10.05 0.41 5.39
C GLY A 936 10.25 -0.99 4.87
N PRO A 937 10.16 -2.03 5.73
CA PRO A 937 10.37 -3.40 5.24
C PRO A 937 9.37 -3.78 4.15
N PRO A 938 9.73 -4.54 3.10
CA PRO A 938 8.71 -4.95 2.13
C PRO A 938 7.77 -6.00 2.77
N CYS A 939 6.48 -6.06 2.34
CA CYS A 939 5.55 -7.06 2.88
C CYS A 939 5.83 -8.48 2.37
N GLN A 940 5.22 -8.89 1.25
CA GLN A 940 5.42 -10.17 0.55
C GLN A 940 5.38 -11.45 1.42
N GLY A 941 6.20 -11.48 2.48
CA GLY A 941 6.26 -12.55 3.47
C GLY A 941 4.92 -12.74 4.17
N PHE A 942 4.62 -11.86 5.17
CA PHE A 942 3.33 -11.83 5.91
C PHE A 942 2.12 -11.64 4.91
N SER A 943 1.98 -10.41 4.37
CA SER A 943 1.13 -9.96 3.29
C SER A 943 -0.28 -10.59 3.04
N GLY A 944 -0.89 -11.21 4.06
CA GLY A 944 -2.23 -11.80 3.94
C GLY A 944 -3.25 -11.29 4.95
N MET A 945 -4.57 -11.37 4.61
CA MET A 945 -5.67 -10.91 5.48
C MET A 945 -6.30 -11.97 6.41
N ASN A 946 -6.35 -13.23 5.96
CA ASN A 946 -6.97 -14.32 6.72
C ASN A 946 -6.17 -14.71 7.97
N ARG A 947 -6.85 -15.33 8.96
CA ARG A 947 -6.31 -15.77 10.26
C ARG A 947 -5.03 -16.58 10.16
N PHE A 948 -4.12 -16.38 11.11
CA PHE A 948 -2.82 -17.06 11.19
C PHE A 948 -2.95 -18.58 11.33
N ASN A 949 -1.90 -19.30 10.93
CA ASN A 949 -1.78 -20.76 11.06
C ASN A 949 -0.30 -21.11 11.05
N SER A 950 0.06 -22.25 11.68
CA SER A 950 1.42 -22.80 11.80
C SER A 950 2.33 -22.47 10.58
N ARG A 951 1.79 -22.61 9.33
CA ARG A 951 2.54 -22.28 8.12
C ARG A 951 2.80 -20.77 8.04
N THR A 952 1.71 -19.96 7.93
CA THR A 952 1.76 -18.49 7.84
C THR A 952 2.48 -17.85 9.05
N TYR A 953 2.23 -18.37 10.27
CA TYR A 953 2.90 -17.86 11.45
C TYR A 953 4.41 -18.02 11.38
N SER A 954 4.90 -19.20 10.97
CA SER A 954 6.34 -19.44 10.86
C SER A 954 7.03 -18.46 9.91
N LYS A 955 6.40 -18.15 8.76
CA LYS A 955 6.92 -17.16 7.84
C LYS A 955 7.05 -15.82 8.57
N PHE A 956 5.97 -15.35 9.23
CA PHE A 956 5.95 -14.08 9.94
C PHE A 956 6.91 -14.09 11.14
N LYS A 957 7.05 -15.24 11.78
CA LYS A 957 7.94 -15.44 12.94
C LYS A 957 9.37 -15.07 12.53
N ASN A 958 9.71 -15.19 11.23
CA ASN A 958 11.02 -14.86 10.69
C ASN A 958 10.99 -13.74 9.64
N SER A 959 9.89 -12.97 9.59
CA SER A 959 9.68 -11.85 8.66
C SER A 959 10.66 -10.70 8.93
N LEU A 960 10.68 -9.71 8.03
CA LEU A 960 11.56 -8.54 8.18
C LEU A 960 11.02 -7.59 9.21
N VAL A 961 9.74 -7.74 9.59
CA VAL A 961 9.11 -6.96 10.65
C VAL A 961 9.80 -7.37 11.98
N VAL A 962 9.97 -8.69 12.16
CA VAL A 962 10.63 -9.35 13.29
C VAL A 962 12.13 -8.97 13.37
N SER A 963 12.83 -8.93 12.20
CA SER A 963 14.25 -8.52 12.11
C SER A 963 14.33 -7.05 12.49
N PHE A 964 13.39 -6.24 11.95
CA PHE A 964 13.33 -4.81 12.23
C PHE A 964 13.07 -4.49 13.70
N LEU A 965 12.20 -5.26 14.38
CA LEU A 965 11.93 -5.05 15.80
C LEU A 965 13.18 -5.37 16.65
N SER A 966 14.00 -6.34 16.21
CA SER A 966 15.23 -6.71 16.91
C SER A 966 16.23 -5.55 16.83
N TYR A 967 16.36 -4.92 15.61
CA TYR A 967 17.24 -3.76 15.42
C TYR A 967 16.86 -2.69 16.44
N CYS A 968 15.54 -2.40 16.59
CA CYS A 968 14.95 -1.46 17.57
C CYS A 968 15.29 -1.90 19.02
N ASP A 969 15.26 -3.23 19.28
CA ASP A 969 15.54 -3.77 20.61
C ASP A 969 16.98 -3.61 20.94
N TYR A 970 17.89 -4.20 20.13
CA TYR A 970 19.33 -4.15 20.31
C TYR A 970 19.77 -2.69 20.45
N TYR A 971 19.59 -1.87 19.40
CA TYR A 971 20.02 -0.48 19.32
C TYR A 971 19.43 0.50 20.30
N ARG A 972 18.12 0.34 20.66
CA ARG A 972 17.31 1.23 21.52
C ARG A 972 17.38 2.70 21.09
N PRO A 973 16.89 3.05 19.87
CA PRO A 973 16.91 4.46 19.47
C PRO A 973 15.92 5.31 20.29
N ARG A 974 16.20 6.62 20.37
CA ARG A 974 15.33 7.61 21.03
C ARG A 974 13.97 7.60 20.28
N PHE A 975 14.03 7.40 18.94
CA PHE A 975 12.87 7.36 18.06
C PHE A 975 12.83 6.18 17.08
N PHE A 976 11.63 5.73 16.73
CA PHE A 976 11.46 4.61 15.82
C PHE A 976 10.27 4.80 14.88
N LEU A 977 10.48 4.52 13.59
CA LEU A 977 9.46 4.60 12.55
C LEU A 977 9.51 3.36 11.70
N LEU A 978 8.34 2.71 11.54
CA LEU A 978 8.14 1.54 10.68
C LEU A 978 7.11 1.96 9.63
N GLU A 979 7.42 1.74 8.40
CA GLU A 979 6.53 2.17 7.33
C GLU A 979 6.05 0.99 6.49
N ASN A 980 4.79 1.03 6.15
CA ASN A 980 4.31 -0.01 5.26
C ASN A 980 3.13 0.43 4.47
N VAL A 981 2.72 -0.45 3.57
CA VAL A 981 1.51 -0.43 2.78
C VAL A 981 0.38 -0.26 3.84
N ARG A 982 -0.67 0.54 3.51
CA ARG A 982 -1.79 0.77 4.44
C ARG A 982 -2.34 -0.50 5.09
N ASN A 983 -2.45 -1.58 4.32
CA ASN A 983 -2.98 -2.86 4.78
C ASN A 983 -2.17 -3.61 5.84
N PHE A 984 -0.97 -3.12 6.18
CA PHE A 984 -0.12 -3.72 7.25
C PHE A 984 -0.97 -3.78 8.52
N VAL A 985 -1.84 -2.78 8.63
CA VAL A 985 -2.76 -2.52 9.71
C VAL A 985 -3.93 -3.51 9.76
N SER A 986 -4.20 -4.24 8.64
CA SER A 986 -5.28 -5.22 8.52
C SER A 986 -4.85 -6.67 8.38
N TYR A 987 -3.60 -6.90 7.94
CA TYR A 987 -3.02 -8.23 7.76
C TYR A 987 -3.24 -9.16 8.95
N ARG A 988 -3.60 -10.42 8.67
CA ARG A 988 -3.73 -11.51 9.64
C ARG A 988 -4.67 -11.24 10.82
N ARG A 989 -5.86 -10.62 10.53
CA ARG A 989 -6.88 -10.25 11.54
C ARG A 989 -6.24 -9.28 12.53
N SER A 990 -5.51 -8.29 11.99
CA SER A 990 -4.74 -7.26 12.67
C SER A 990 -3.68 -7.82 13.65
N MET A 991 -3.28 -9.09 13.46
CA MET A 991 -2.28 -9.74 14.30
C MET A 991 -0.86 -9.26 14.15
N VAL A 992 -0.49 -8.87 12.91
CA VAL A 992 0.81 -8.29 12.56
C VAL A 992 0.99 -6.97 13.34
N LEU A 993 -0.03 -6.08 13.29
CA LEU A 993 0.04 -4.80 13.99
C LEU A 993 0.08 -4.98 15.51
N LYS A 994 -0.79 -5.86 16.03
CA LYS A 994 -0.89 -6.16 17.45
C LYS A 994 0.44 -6.73 18.00
N LEU A 995 1.08 -7.68 17.28
CA LEU A 995 2.36 -8.23 17.76
C LEU A 995 3.48 -7.21 17.67
N THR A 996 3.42 -6.31 16.66
CA THR A 996 4.40 -5.26 16.43
C THR A 996 4.35 -4.33 17.62
N LEU A 997 3.14 -3.85 17.97
CA LEU A 997 2.94 -2.96 19.12
C LEU A 997 3.34 -3.65 20.42
N ARG A 998 2.93 -4.93 20.59
CA ARG A 998 3.23 -5.76 21.76
C ARG A 998 4.70 -5.73 22.07
N CYS A 999 5.52 -6.09 21.07
CA CYS A 999 6.98 -6.13 21.07
C CYS A 999 7.56 -4.82 21.57
N LEU A 1000 7.13 -3.72 20.94
CA LEU A 1000 7.55 -2.37 21.28
C LEU A 1000 7.29 -2.08 22.75
N VAL A 1001 6.10 -2.45 23.23
CA VAL A 1001 5.68 -2.25 24.62
C VAL A 1001 6.56 -3.08 25.55
N ARG A 1002 6.75 -4.40 25.28
CA ARG A 1002 7.62 -5.27 26.09
C ARG A 1002 8.96 -4.58 26.36
N MET A 1003 9.65 -4.17 25.28
CA MET A 1003 10.91 -3.43 25.26
C MET A 1003 10.88 -2.17 26.13
N GLY A 1004 9.69 -1.64 26.42
CA GLY A 1004 9.49 -0.46 27.26
C GLY A 1004 9.23 0.84 26.52
N TYR A 1005 8.87 0.74 25.24
CA TYR A 1005 8.65 1.89 24.37
C TYR A 1005 7.27 2.46 24.37
N GLN A 1006 7.18 3.79 24.33
CA GLN A 1006 5.90 4.46 24.13
C GLN A 1006 5.71 4.30 22.61
N CYS A 1007 4.53 3.84 22.15
CA CYS A 1007 4.29 3.64 20.73
C CYS A 1007 2.84 3.88 20.32
N THR A 1008 2.59 3.94 18.98
CA THR A 1008 1.30 4.17 18.34
C THR A 1008 1.35 3.88 16.84
N PHE A 1009 0.19 3.70 16.21
CA PHE A 1009 0.08 3.55 14.75
C PHE A 1009 -0.85 4.61 14.18
N GLY A 1010 -0.91 4.69 12.85
CA GLY A 1010 -1.75 5.61 12.10
C GLY A 1010 -1.57 5.47 10.59
N VAL A 1011 -2.61 5.83 9.81
CA VAL A 1011 -2.63 5.82 8.34
C VAL A 1011 -2.54 7.25 7.76
N LEU A 1012 -1.80 7.43 6.65
CA LEU A 1012 -1.65 8.73 6.00
C LEU A 1012 -1.78 8.59 4.49
N GLN A 1013 -2.30 9.64 3.83
CA GLN A 1013 -2.49 9.72 2.38
C GLN A 1013 -1.48 10.70 1.81
N ALA A 1014 -0.56 10.19 1.00
CA ALA A 1014 0.49 11.00 0.37
C ALA A 1014 -0.09 12.29 -0.21
N GLY A 1015 -1.22 12.19 -0.93
CA GLY A 1015 -1.91 13.27 -1.60
C GLY A 1015 -2.10 14.53 -0.76
N GLN A 1016 -2.44 14.32 0.52
CA GLN A 1016 -2.67 15.34 1.53
C GLN A 1016 -1.42 16.08 1.94
N TYR A 1017 -0.24 15.62 1.51
CA TYR A 1017 1.04 16.25 1.85
C TYR A 1017 1.75 16.91 0.66
N GLY A 1018 1.01 17.08 -0.44
CA GLY A 1018 1.49 17.81 -1.61
C GLY A 1018 2.17 16.99 -2.67
N VAL A 1019 1.48 15.94 -3.14
CA VAL A 1019 1.97 15.02 -4.15
C VAL A 1019 0.71 14.58 -4.98
N ALA A 1020 0.79 14.65 -6.34
CA ALA A 1020 -0.36 14.33 -7.21
C ALA A 1020 -0.47 12.83 -7.37
N GLN A 1021 -0.74 12.13 -6.26
CA GLN A 1021 -0.79 10.68 -6.17
C GLN A 1021 -1.67 10.30 -5.03
N THR A 1022 -2.45 9.26 -5.25
CA THR A 1022 -3.30 8.68 -4.22
C THR A 1022 -2.62 7.42 -3.65
N ARG A 1023 -1.98 7.57 -2.46
CA ARG A 1023 -1.31 6.50 -1.70
C ARG A 1023 -1.33 6.59 -0.19
N ARG A 1024 -1.88 5.53 0.42
CA ARG A 1024 -1.96 5.40 1.86
C ARG A 1024 -0.83 4.52 2.39
N ARG A 1025 -0.34 4.86 3.57
CA ARG A 1025 0.69 4.11 4.23
C ARG A 1025 0.31 3.92 5.71
N ALA A 1026 0.60 2.73 6.23
CA ALA A 1026 0.49 2.42 7.64
C ALA A 1026 1.82 2.93 8.19
N ILE A 1027 1.75 3.72 9.26
CA ILE A 1027 2.94 4.24 9.94
C ILE A 1027 2.90 3.92 11.41
N ILE A 1028 3.98 3.27 11.89
CA ILE A 1028 4.11 2.95 13.30
C ILE A 1028 5.17 3.86 13.87
N LEU A 1029 4.78 4.65 14.90
CA LEU A 1029 5.67 5.58 15.59
C LEU A 1029 6.00 5.06 16.97
N ALA A 1030 7.26 5.11 17.33
CA ALA A 1030 7.70 4.71 18.67
C ALA A 1030 8.79 5.64 19.15
N ALA A 1031 8.77 5.93 20.43
CA ALA A 1031 9.76 6.83 20.99
C ALA A 1031 10.12 6.28 22.35
N ALA A 1032 11.40 6.38 22.70
CA ALA A 1032 11.94 5.89 23.95
C ALA A 1032 11.40 6.66 25.17
N PRO A 1033 11.30 6.00 26.36
CA PRO A 1033 10.88 6.72 27.57
C PRO A 1033 11.93 7.79 27.86
N GLY A 1034 11.45 9.00 28.12
CA GLY A 1034 12.28 10.18 28.31
C GLY A 1034 11.86 11.18 27.26
N GLU A 1035 11.73 10.67 26.00
CA GLU A 1035 11.26 11.43 24.84
C GLU A 1035 9.73 11.58 24.82
N LYS A 1036 9.24 12.35 23.84
CA LYS A 1036 7.82 12.60 23.61
C LYS A 1036 7.33 11.78 22.36
N LEU A 1037 6.19 11.06 22.48
CA LEU A 1037 5.66 10.31 21.34
C LEU A 1037 5.03 11.32 20.35
N PRO A 1038 5.48 11.35 19.07
CA PRO A 1038 5.02 12.40 18.16
C PRO A 1038 3.62 12.21 17.71
N LEU A 1039 2.95 13.28 17.33
CA LEU A 1039 1.61 13.21 16.80
C LEU A 1039 1.73 12.95 15.32
N PHE A 1040 0.63 12.61 14.64
CA PHE A 1040 0.67 12.43 13.19
C PHE A 1040 0.48 13.81 12.55
N PRO A 1041 1.17 14.11 11.42
CA PRO A 1041 1.03 15.45 10.81
C PRO A 1041 -0.39 15.77 10.35
N GLU A 1042 -0.78 17.04 10.50
CA GLU A 1042 -2.09 17.49 10.05
C GLU A 1042 -2.01 17.65 8.49
N PRO A 1043 -3.01 17.16 7.70
CA PRO A 1043 -2.95 17.34 6.23
C PRO A 1043 -2.76 18.80 5.82
N LEU A 1044 -1.96 19.05 4.79
CA LEU A 1044 -1.70 20.42 4.34
C LEU A 1044 -2.45 20.70 3.07
N HIS A 1045 -2.73 19.65 2.30
CA HIS A 1045 -3.46 19.77 1.05
C HIS A 1045 -4.78 19.07 1.07
N VAL A 1046 -5.72 19.72 0.46
CA VAL A 1046 -7.04 19.19 0.36
C VAL A 1046 -7.03 18.03 -0.68
N PHE A 1047 -7.65 16.89 -0.32
CA PHE A 1047 -7.66 15.69 -1.17
C PHE A 1047 -9.02 15.05 -1.16
N ALA A 1048 -9.31 14.27 -2.23
CA ALA A 1048 -10.60 13.63 -2.44
C ALA A 1048 -10.99 12.76 -1.25
N PRO A 1049 -12.16 13.00 -0.62
CA PRO A 1049 -12.57 12.18 0.55
C PRO A 1049 -12.40 10.66 0.38
N ARG A 1050 -12.77 10.12 -0.81
CA ARG A 1050 -12.68 8.69 -1.13
C ARG A 1050 -11.30 8.16 -0.87
N ALA A 1051 -10.24 8.96 -1.13
CA ALA A 1051 -8.80 8.60 -0.95
C ALA A 1051 -8.33 8.80 0.50
N CYS A 1052 -9.17 9.41 1.35
CA CYS A 1052 -8.81 9.77 2.70
C CYS A 1052 -9.42 8.96 3.85
N GLN A 1053 -9.53 7.62 3.68
CA GLN A 1053 -10.02 6.77 4.77
C GLN A 1053 -8.90 6.26 5.66
N LEU A 1054 -8.59 7.10 6.63
CA LEU A 1054 -7.51 6.90 7.54
C LEU A 1054 -7.81 6.05 8.81
N SER A 1055 -9.09 5.74 9.09
CA SER A 1055 -9.51 4.91 10.24
C SER A 1055 -9.03 3.45 10.14
N VAL A 1056 -8.89 2.75 11.29
CA VAL A 1056 -8.47 1.35 11.37
C VAL A 1056 -9.35 0.57 12.36
N VAL A 1057 -9.97 -0.52 11.91
CA VAL A 1057 -10.74 -1.36 12.83
C VAL A 1057 -9.84 -2.48 13.35
N VAL A 1058 -9.67 -2.55 14.67
CA VAL A 1058 -8.94 -3.65 15.27
C VAL A 1058 -9.92 -4.30 16.26
N ASP A 1059 -10.18 -5.62 16.10
CA ASP A 1059 -11.05 -6.41 16.96
C ASP A 1059 -12.42 -5.74 17.24
N ASP A 1060 -13.11 -5.28 16.18
CA ASP A 1060 -14.40 -4.59 16.31
C ASP A 1060 -14.31 -3.20 17.00
N LYS A 1061 -13.13 -2.55 16.91
CA LYS A 1061 -12.93 -1.21 17.47
C LYS A 1061 -12.26 -0.27 16.45
N LYS A 1062 -12.90 0.87 16.18
CA LYS A 1062 -12.44 1.87 15.22
C LYS A 1062 -11.43 2.77 15.90
N PHE A 1063 -10.15 2.64 15.49
CA PHE A 1063 -9.01 3.44 15.94
C PHE A 1063 -8.73 4.52 14.95
N VAL A 1064 -8.26 5.65 15.47
CA VAL A 1064 -8.03 6.85 14.67
C VAL A 1064 -6.80 7.63 15.18
N SER A 1065 -6.21 8.52 14.37
CA SER A 1065 -5.09 9.31 14.86
C SER A 1065 -5.54 10.74 15.22
N ASN A 1066 -4.65 11.47 15.90
CA ASN A 1066 -4.77 12.86 16.31
C ASN A 1066 -5.22 13.79 15.16
N ILE A 1067 -5.05 13.39 13.87
CA ILE A 1067 -5.49 14.18 12.73
C ILE A 1067 -6.97 14.63 12.93
N THR A 1068 -7.18 15.97 12.93
CA THR A 1068 -8.47 16.66 13.03
C THR A 1068 -8.92 17.19 11.66
N ARG A 1069 -7.97 17.62 10.75
CA ARG A 1069 -8.29 18.14 9.40
C ARG A 1069 -8.80 16.99 8.56
N LEU A 1070 -10.08 16.70 8.72
CA LEU A 1070 -10.70 15.53 8.15
C LEU A 1070 -10.68 15.26 6.64
N SER A 1071 -11.32 16.03 5.71
CA SER A 1071 -11.97 17.36 5.60
C SER A 1071 -11.05 18.35 4.84
N SER A 1072 -11.03 19.65 5.22
CA SER A 1072 -10.27 20.70 4.52
C SER A 1072 -8.71 20.68 4.70
N GLY A 1073 -8.10 21.84 4.48
CA GLY A 1073 -6.66 22.05 4.57
C GLY A 1073 -6.26 23.42 4.06
N PRO A 1074 -5.05 23.92 4.42
CA PRO A 1074 -4.66 25.25 3.95
C PRO A 1074 -4.33 25.42 2.47
N PHE A 1075 -3.96 24.33 1.76
CA PHE A 1075 -3.55 24.46 0.36
C PHE A 1075 -4.36 23.67 -0.62
N ARG A 1076 -4.43 24.15 -1.86
CA ARG A 1076 -5.09 23.48 -2.99
C ARG A 1076 -4.39 22.15 -3.32
N THR A 1077 -5.10 21.20 -3.95
CA THR A 1077 -4.54 19.89 -4.36
C THR A 1077 -3.43 20.03 -5.40
N ILE A 1078 -2.41 19.15 -5.34
CA ILE A 1078 -1.35 19.06 -6.35
C ILE A 1078 -1.91 18.13 -7.45
N THR A 1079 -1.81 18.57 -8.71
CA THR A 1079 -2.34 17.82 -9.84
C THR A 1079 -1.21 17.30 -10.74
N VAL A 1080 -1.54 16.36 -11.62
CA VAL A 1080 -0.60 15.81 -12.62
C VAL A 1080 0.05 16.96 -13.41
N ARG A 1081 -0.70 18.06 -13.62
CA ARG A 1081 -0.23 19.25 -14.30
C ARG A 1081 0.82 19.94 -13.47
N ASP A 1082 0.55 20.16 -12.16
CA ASP A 1082 1.48 20.81 -11.21
C ASP A 1082 2.73 19.99 -11.11
N THR A 1083 2.55 18.66 -11.22
CA THR A 1083 3.60 17.68 -11.12
C THR A 1083 4.53 17.66 -12.34
N MET A 1084 3.98 17.77 -13.57
CA MET A 1084 4.82 17.57 -14.74
C MET A 1084 4.64 18.41 -15.98
N SER A 1085 3.82 19.48 -15.95
CA SER A 1085 3.57 20.33 -17.13
C SER A 1085 4.79 21.00 -17.81
N ASP A 1086 5.93 21.13 -17.10
CA ASP A 1086 7.11 21.78 -17.66
C ASP A 1086 7.99 20.91 -18.52
N LEU A 1087 8.09 19.63 -18.22
CA LEU A 1087 9.02 18.72 -18.89
C LEU A 1087 8.93 18.66 -20.40
N PRO A 1088 10.08 18.77 -21.10
CA PRO A 1088 10.06 18.75 -22.57
C PRO A 1088 9.54 17.45 -23.16
N GLU A 1089 8.93 17.54 -24.36
CA GLU A 1089 8.35 16.42 -25.09
C GLU A 1089 9.39 15.35 -25.37
N ILE A 1090 9.02 14.11 -25.11
CA ILE A 1090 9.81 12.93 -25.41
C ILE A 1090 8.93 11.92 -26.17
N GLN A 1091 9.53 10.89 -26.74
CA GLN A 1091 8.78 9.91 -27.53
C GLN A 1091 8.87 8.57 -26.84
N ASN A 1092 8.12 7.56 -27.37
CA ASN A 1092 8.20 6.18 -26.89
C ASN A 1092 9.67 5.75 -27.03
N GLY A 1093 10.20 5.04 -26.03
CA GLY A 1093 11.58 4.56 -26.05
C GLY A 1093 12.65 5.61 -25.92
N ALA A 1094 12.32 6.80 -25.32
CA ALA A 1094 13.29 7.87 -25.10
C ALA A 1094 14.37 7.37 -24.13
N SER A 1095 15.61 7.31 -24.63
CA SER A 1095 16.80 6.73 -24.01
C SER A 1095 17.87 7.70 -23.41
N ASN A 1096 17.87 9.00 -23.78
CA ASN A 1096 18.89 9.98 -23.33
C ASN A 1096 18.70 10.51 -21.89
N SER A 1097 19.49 9.98 -20.91
CA SER A 1097 19.41 10.33 -19.48
C SER A 1097 19.71 11.77 -19.09
N GLU A 1098 20.49 12.51 -19.90
CA GLU A 1098 20.80 13.91 -19.63
C GLU A 1098 20.37 14.75 -20.83
N ILE A 1099 19.30 15.56 -20.66
CA ILE A 1099 18.73 16.42 -21.71
C ILE A 1099 18.46 17.85 -21.20
N PRO A 1100 18.60 18.94 -22.02
CA PRO A 1100 18.24 20.28 -21.51
C PRO A 1100 16.74 20.36 -21.21
N TYR A 1101 16.35 21.25 -20.31
CA TYR A 1101 14.93 21.40 -20.00
C TYR A 1101 14.24 22.03 -21.21
N ASN A 1102 14.87 23.06 -21.80
CA ASN A 1102 14.36 23.88 -22.90
C ASN A 1102 13.05 24.60 -22.47
N GLY A 1103 13.05 25.14 -21.23
CA GLY A 1103 11.91 25.83 -20.64
C GLY A 1103 11.98 25.99 -19.13
N GLU A 1104 11.45 27.11 -18.62
CA GLU A 1104 11.42 27.49 -17.21
C GLU A 1104 10.32 26.73 -16.45
N PRO A 1105 10.37 26.57 -15.10
CA PRO A 1105 9.27 25.83 -14.42
C PRO A 1105 7.93 26.56 -14.59
N LEU A 1106 6.78 25.87 -14.56
CA LEU A 1106 5.51 26.58 -14.75
C LEU A 1106 4.68 26.68 -13.48
N SER A 1107 4.65 25.62 -12.68
CA SER A 1107 3.88 25.57 -11.44
C SER A 1107 4.69 25.97 -10.22
N TRP A 1108 4.02 26.10 -9.06
CA TRP A 1108 4.69 26.36 -7.80
C TRP A 1108 5.57 25.13 -7.47
N PHE A 1109 4.95 23.94 -7.41
CA PHE A 1109 5.57 22.63 -7.20
C PHE A 1109 6.79 22.46 -8.13
N GLN A 1110 6.67 22.83 -9.43
CA GLN A 1110 7.79 22.72 -10.36
C GLN A 1110 8.94 23.61 -9.92
N ARG A 1111 8.61 24.85 -9.48
CA ARG A 1111 9.60 25.80 -8.95
C ARG A 1111 10.35 25.20 -7.76
N GLN A 1112 9.60 24.63 -6.78
CA GLN A 1112 10.15 23.97 -5.58
C GLN A 1112 11.01 22.71 -5.89
N LEU A 1113 10.59 21.90 -6.85
CA LEU A 1113 11.35 20.68 -7.17
C LEU A 1113 12.55 20.93 -8.07
N ARG A 1114 12.52 22.06 -8.83
CA ARG A 1114 13.60 22.44 -9.75
C ARG A 1114 14.69 23.19 -9.04
N GLY A 1115 14.32 23.92 -7.98
CA GLY A 1115 15.21 24.73 -7.17
C GLY A 1115 15.25 26.19 -7.57
N SER A 1116 15.93 27.01 -6.75
CA SER A 1116 16.15 28.44 -6.99
C SER A 1116 17.29 28.54 -8.02
N HIS A 1117 18.46 27.94 -7.67
CA HIS A 1117 19.63 27.86 -8.53
C HIS A 1117 19.25 27.15 -9.84
N TYR A 1118 19.64 27.74 -10.99
CA TYR A 1118 19.41 27.18 -12.32
C TYR A 1118 20.31 25.95 -12.57
N GLN A 1119 19.69 24.88 -13.09
CA GLN A 1119 20.37 23.64 -13.45
C GLN A 1119 20.10 23.36 -14.92
N PRO A 1120 21.15 23.06 -15.70
CA PRO A 1120 20.95 22.84 -17.15
C PRO A 1120 20.34 21.49 -17.53
N ILE A 1121 20.95 20.38 -17.03
CA ILE A 1121 20.57 18.99 -17.24
C ILE A 1121 19.23 18.63 -16.57
N LEU A 1122 18.34 17.96 -17.32
CA LEU A 1122 17.11 17.37 -16.83
C LEU A 1122 17.52 15.90 -16.77
N ARG A 1123 17.43 15.29 -15.57
CA ARG A 1123 17.87 13.91 -15.43
C ARG A 1123 16.73 12.92 -15.32
N ASP A 1124 16.80 11.80 -16.05
CA ASP A 1124 15.85 10.68 -16.00
C ASP A 1124 14.52 10.78 -16.76
N HIS A 1125 14.37 11.82 -17.66
CA HIS A 1125 13.17 11.94 -18.51
C HIS A 1125 13.38 10.91 -19.64
N ILE A 1126 13.26 9.66 -19.21
CA ILE A 1126 13.51 8.43 -19.92
C ILE A 1126 12.29 7.57 -19.78
N CYS A 1127 11.84 7.02 -20.89
CA CYS A 1127 10.66 6.17 -20.83
C CYS A 1127 10.85 4.91 -21.64
N LYS A 1128 10.18 3.85 -21.20
CA LYS A 1128 10.29 2.52 -21.78
C LYS A 1128 9.97 2.51 -23.25
N ASP A 1129 10.72 1.69 -24.01
CA ASP A 1129 10.44 1.49 -25.43
C ASP A 1129 9.33 0.46 -25.52
N MET A 1130 8.08 0.93 -25.72
CA MET A 1130 6.96 0.00 -25.81
C MET A 1130 6.92 -0.58 -27.22
N SER A 1131 6.50 -1.86 -27.32
CA SER A 1131 6.43 -2.65 -28.58
C SER A 1131 5.71 -1.90 -29.73
N PRO A 1132 5.99 -2.18 -31.04
CA PRO A 1132 5.27 -1.44 -32.11
C PRO A 1132 3.74 -1.50 -31.99
N LEU A 1133 3.19 -2.65 -31.47
CA LEU A 1133 1.73 -2.80 -31.23
C LEU A 1133 1.22 -1.81 -30.15
N VAL A 1134 1.86 -1.81 -28.95
CA VAL A 1134 1.47 -0.93 -27.83
C VAL A 1134 1.59 0.55 -28.24
N ALA A 1135 2.66 0.89 -28.98
CA ALA A 1135 2.95 2.24 -29.42
C ALA A 1135 1.80 2.72 -30.30
N ALA A 1136 1.39 1.85 -31.27
CA ALA A 1136 0.28 2.12 -32.19
C ALA A 1136 -0.98 2.44 -31.40
N ARG A 1137 -1.28 1.61 -30.36
CA ARG A 1137 -2.40 1.82 -29.44
C ARG A 1137 -2.35 3.22 -28.74
N MET A 1138 -1.20 3.57 -28.08
CA MET A 1138 -1.04 4.87 -27.41
C MET A 1138 -1.27 6.06 -28.38
N ARG A 1139 -0.76 5.97 -29.63
CA ARG A 1139 -0.97 7.04 -30.62
C ARG A 1139 -2.46 7.24 -30.87
N HIS A 1140 -3.23 6.14 -30.78
CA HIS A 1140 -4.66 6.10 -31.06
C HIS A 1140 -5.62 6.37 -29.90
N ILE A 1141 -5.09 6.56 -28.66
CA ILE A 1141 -5.88 6.93 -27.48
C ILE A 1141 -6.07 8.45 -27.52
N PRO A 1142 -7.31 8.98 -27.62
CA PRO A 1142 -7.48 10.45 -27.68
C PRO A 1142 -6.95 11.27 -26.49
N LEU A 1143 -6.87 12.60 -26.67
CA LEU A 1143 -6.31 13.38 -25.59
C LEU A 1143 -7.26 13.82 -24.47
N PHE A 1144 -8.58 13.82 -24.73
CA PHE A 1144 -9.63 14.20 -23.78
C PHE A 1144 -9.60 13.50 -22.40
N PRO A 1145 -9.78 14.23 -21.26
CA PRO A 1145 -9.71 13.56 -19.94
C PRO A 1145 -10.62 12.36 -19.68
N GLY A 1146 -9.97 11.26 -19.31
CA GLY A 1146 -10.68 10.04 -19.01
C GLY A 1146 -10.83 9.12 -20.21
N SER A 1147 -9.93 9.30 -21.23
CA SER A 1147 -9.89 8.45 -22.40
C SER A 1147 -8.99 7.25 -22.21
N ASP A 1148 -9.47 6.07 -22.63
CA ASP A 1148 -8.77 4.81 -22.45
C ASP A 1148 -8.96 3.90 -23.65
N TRP A 1149 -8.70 2.60 -23.43
CA TRP A 1149 -8.81 1.56 -24.46
C TRP A 1149 -10.13 1.65 -25.21
N ARG A 1150 -11.23 1.92 -24.49
CA ARG A 1150 -12.59 1.99 -25.04
C ARG A 1150 -12.72 3.02 -26.14
N ASP A 1151 -11.74 3.94 -26.24
CA ASP A 1151 -11.74 4.97 -27.27
C ASP A 1151 -11.00 4.58 -28.51
N LEU A 1152 -10.21 3.50 -28.46
CA LEU A 1152 -9.43 3.01 -29.59
C LEU A 1152 -10.25 2.76 -30.83
N PRO A 1153 -9.75 3.10 -32.04
CA PRO A 1153 -10.51 2.80 -33.26
C PRO A 1153 -10.31 1.36 -33.81
N ASN A 1154 -11.36 0.74 -34.39
CA ASN A 1154 -11.21 -0.61 -34.95
C ASN A 1154 -10.70 -0.50 -36.37
N ILE A 1155 -9.37 -0.27 -36.49
CA ILE A 1155 -8.71 -0.02 -37.77
C ILE A 1155 -7.42 -0.81 -37.88
N GLN A 1156 -7.05 -1.08 -39.14
CA GLN A 1156 -5.83 -1.78 -39.52
C GLN A 1156 -4.70 -0.76 -39.37
N VAL A 1157 -3.59 -1.13 -38.75
CA VAL A 1157 -2.49 -0.19 -38.55
C VAL A 1157 -1.21 -0.89 -39.01
N ARG A 1158 -0.42 -0.22 -39.82
CA ARG A 1158 0.86 -0.77 -40.26
C ARG A 1158 1.90 -0.54 -39.14
N LEU A 1159 2.26 -1.60 -38.40
CA LEU A 1159 3.23 -1.56 -37.31
C LEU A 1159 4.68 -1.14 -37.74
N GLY A 1160 4.98 -1.27 -39.03
CA GLY A 1160 6.26 -0.85 -39.61
C GLY A 1160 7.39 -1.86 -39.61
N ASP A 1161 7.09 -3.14 -39.32
CA ASP A 1161 8.08 -4.23 -39.31
C ASP A 1161 7.59 -5.35 -40.24
N GLY A 1162 6.69 -4.95 -41.15
CA GLY A 1162 5.98 -5.82 -42.07
C GLY A 1162 4.64 -6.16 -41.45
N VAL A 1163 4.63 -6.28 -40.08
CA VAL A 1163 3.50 -6.60 -39.21
C VAL A 1163 2.35 -5.56 -39.30
N ILE A 1164 1.11 -6.06 -39.31
CA ILE A 1164 -0.08 -5.22 -39.47
C ILE A 1164 -1.09 -5.51 -38.35
N ALA A 1165 -1.26 -4.52 -37.41
CA ALA A 1165 -2.24 -4.57 -36.32
C ALA A 1165 -3.59 -4.69 -37.00
N HIS A 1166 -4.25 -5.82 -36.76
CA HIS A 1166 -5.50 -6.13 -37.40
C HIS A 1166 -6.82 -5.59 -36.79
N LYS A 1167 -7.89 -5.60 -37.60
CA LYS A 1167 -9.20 -5.16 -37.14
C LYS A 1167 -9.75 -6.25 -36.22
N LEU A 1168 -10.55 -5.88 -35.20
CA LEU A 1168 -11.15 -6.87 -34.31
C LEU A 1168 -12.37 -7.40 -34.99
N GLN A 1169 -12.53 -8.74 -34.95
CA GLN A 1169 -13.70 -9.43 -35.49
C GLN A 1169 -14.77 -9.70 -34.40
N TYR A 1170 -16.01 -9.18 -34.61
CA TYR A 1170 -17.14 -9.39 -33.72
C TYR A 1170 -18.12 -10.35 -34.37
N THR A 1171 -17.97 -11.64 -34.04
CA THR A 1171 -18.78 -12.70 -34.64
C THR A 1171 -19.77 -13.39 -33.69
N PHE A 1172 -19.89 -12.92 -32.45
CA PHE A 1172 -20.79 -13.52 -31.47
C PHE A 1172 -21.78 -12.51 -30.95
N HIS A 1173 -22.86 -12.96 -30.32
CA HIS A 1173 -23.86 -12.05 -29.77
C HIS A 1173 -23.52 -11.83 -28.32
N ASP A 1174 -23.29 -10.57 -27.89
CA ASP A 1174 -23.16 -10.39 -26.45
C ASP A 1174 -24.61 -10.26 -25.90
N VAL A 1175 -25.15 -11.34 -25.35
CA VAL A 1175 -26.54 -11.38 -24.80
C VAL A 1175 -26.84 -10.29 -23.72
N LYS A 1176 -25.84 -9.88 -22.93
CA LYS A 1176 -26.04 -8.86 -21.90
C LYS A 1176 -25.91 -7.44 -22.46
N ASN A 1177 -25.04 -7.22 -23.47
CA ASN A 1177 -24.75 -5.89 -24.01
C ASN A 1177 -25.54 -5.43 -25.20
N GLY A 1178 -26.12 -6.35 -25.94
CA GLY A 1178 -26.99 -6.05 -27.06
C GLY A 1178 -26.28 -5.77 -28.35
N TYR A 1179 -27.00 -5.16 -29.30
CA TYR A 1179 -26.43 -4.81 -30.59
C TYR A 1179 -25.91 -3.33 -30.61
N SER A 1180 -25.06 -3.00 -31.61
CA SER A 1180 -24.52 -1.66 -31.84
C SER A 1180 -25.63 -0.82 -32.46
N SER A 1181 -25.39 0.49 -32.65
CA SER A 1181 -26.35 1.40 -33.28
C SER A 1181 -26.61 0.97 -34.72
N THR A 1182 -25.62 0.33 -35.31
CA THR A 1182 -25.67 -0.21 -36.67
C THR A 1182 -26.33 -1.60 -36.72
N GLY A 1183 -26.48 -2.26 -35.58
CA GLY A 1183 -27.01 -3.61 -35.52
C GLY A 1183 -25.91 -4.64 -35.61
N ALA A 1184 -24.65 -4.18 -35.49
CA ALA A 1184 -23.48 -5.05 -35.50
C ALA A 1184 -23.38 -5.78 -34.15
N LEU A 1185 -22.71 -6.94 -34.12
CA LEU A 1185 -22.56 -7.75 -32.91
C LEU A 1185 -21.50 -7.17 -31.98
N ARG A 1186 -21.64 -7.40 -30.67
CA ARG A 1186 -20.67 -6.87 -29.70
C ARG A 1186 -19.83 -8.01 -29.07
N GLY A 1187 -19.93 -9.21 -29.65
CA GLY A 1187 -19.33 -10.44 -29.15
C GLY A 1187 -18.00 -10.86 -29.75
N VAL A 1188 -17.03 -11.04 -28.88
CA VAL A 1188 -15.70 -11.38 -29.35
C VAL A 1188 -15.31 -12.89 -29.20
N CYS A 1189 -16.10 -13.65 -28.43
CA CYS A 1189 -15.97 -15.08 -28.08
C CYS A 1189 -17.36 -15.68 -27.84
N SER A 1190 -17.48 -17.02 -27.85
CA SER A 1190 -18.74 -17.75 -27.66
C SER A 1190 -19.32 -17.58 -26.29
N CYS A 1191 -18.44 -17.24 -25.31
CA CYS A 1191 -18.86 -17.01 -23.92
C CYS A 1191 -19.76 -15.78 -23.77
N ALA A 1192 -19.84 -14.93 -24.81
CA ALA A 1192 -20.72 -13.76 -24.85
C ALA A 1192 -22.18 -14.25 -24.92
N GLU A 1193 -22.35 -15.40 -25.59
CA GLU A 1193 -23.63 -16.05 -25.83
C GLU A 1193 -24.01 -16.98 -24.68
N GLY A 1194 -23.09 -17.19 -23.73
CA GLY A 1194 -23.33 -18.06 -22.59
C GLY A 1194 -22.72 -19.44 -22.75
N LYS A 1195 -22.31 -19.78 -23.99
CA LYS A 1195 -21.63 -21.03 -24.35
C LYS A 1195 -20.19 -20.98 -23.79
N ALA A 1196 -19.41 -22.08 -23.90
CA ALA A 1196 -18.03 -22.08 -23.42
C ALA A 1196 -17.17 -21.27 -24.36
N CYS A 1197 -15.96 -20.88 -23.95
CA CYS A 1197 -15.07 -20.13 -24.83
C CYS A 1197 -14.65 -21.01 -25.98
N ASP A 1198 -14.68 -20.50 -27.22
CA ASP A 1198 -14.19 -21.24 -28.38
C ASP A 1198 -12.78 -20.73 -28.65
N PRO A 1199 -11.73 -21.55 -28.51
CA PRO A 1199 -10.38 -21.06 -28.83
C PRO A 1199 -10.23 -20.92 -30.35
N GLU A 1200 -9.18 -20.24 -30.84
CA GLU A 1200 -9.06 -20.04 -32.31
C GLU A 1200 -10.25 -19.19 -32.87
N SER A 1201 -10.96 -18.59 -31.92
CA SER A 1201 -12.03 -17.61 -32.01
C SER A 1201 -11.43 -16.41 -31.22
N ARG A 1202 -10.23 -16.69 -30.65
CA ARG A 1202 -9.32 -15.82 -29.94
C ARG A 1202 -8.55 -15.09 -31.02
N GLN A 1203 -8.40 -13.79 -30.90
CA GLN A 1203 -7.65 -12.99 -31.87
C GLN A 1203 -6.47 -12.39 -31.15
N PHE A 1204 -5.38 -12.15 -31.89
CA PHE A 1204 -4.18 -11.53 -31.35
C PHE A 1204 -3.65 -10.47 -32.33
N SER A 1205 -2.73 -9.60 -31.83
CA SER A 1205 -2.11 -8.51 -32.57
C SER A 1205 -3.14 -7.51 -33.18
N THR A 1206 -4.28 -7.30 -32.47
CA THR A 1206 -5.34 -6.35 -32.84
C THR A 1206 -5.09 -5.00 -32.11
N LEU A 1207 -5.58 -3.88 -32.67
CA LEU A 1207 -5.41 -2.56 -32.03
C LEU A 1207 -6.23 -2.49 -30.76
N ILE A 1208 -7.51 -2.93 -30.81
CA ILE A 1208 -8.35 -3.05 -29.62
C ILE A 1208 -7.96 -4.45 -29.08
N PRO A 1209 -7.36 -4.54 -27.89
CA PRO A 1209 -6.96 -5.86 -27.39
C PRO A 1209 -8.18 -6.75 -27.27
N TRP A 1210 -8.05 -7.98 -27.75
CA TRP A 1210 -9.14 -8.94 -27.76
C TRP A 1210 -9.55 -9.30 -26.32
N CYS A 1211 -8.59 -9.47 -25.42
CA CYS A 1211 -8.84 -9.82 -24.01
C CYS A 1211 -9.76 -8.82 -23.25
N LEU A 1212 -9.76 -7.54 -23.68
CA LEU A 1212 -10.57 -6.50 -23.04
C LEU A 1212 -12.08 -6.70 -23.27
N PRO A 1213 -12.60 -6.73 -24.52
CA PRO A 1213 -14.03 -7.04 -24.69
C PRO A 1213 -14.33 -8.40 -24.04
N HIS A 1214 -13.42 -9.40 -24.29
CA HIS A 1214 -13.53 -10.77 -23.80
C HIS A 1214 -13.93 -10.91 -22.33
N THR A 1215 -13.21 -10.23 -21.40
CA THR A 1215 -13.47 -10.24 -19.95
C THR A 1215 -14.06 -8.87 -19.33
N GLY A 1216 -14.11 -7.80 -20.14
CA GLY A 1216 -14.64 -6.49 -19.76
C GLY A 1216 -15.87 -6.51 -18.87
N ASN A 1217 -16.93 -7.26 -19.26
CA ASN A 1217 -18.22 -7.31 -18.51
C ASN A 1217 -18.08 -7.79 -17.08
N ARG A 1218 -17.19 -8.73 -16.81
CA ARG A 1218 -17.01 -9.27 -15.45
C ARG A 1218 -15.92 -8.54 -14.64
N HIS A 1219 -15.41 -7.38 -15.16
CA HIS A 1219 -14.30 -6.57 -14.63
C HIS A 1219 -14.46 -5.09 -14.92
N ASN A 1220 -15.68 -4.57 -14.75
CA ASN A 1220 -15.98 -3.15 -14.91
C ASN A 1220 -15.46 -2.51 -16.20
N HIS A 1221 -15.50 -3.28 -17.30
CA HIS A 1221 -15.08 -2.86 -18.63
C HIS A 1221 -13.60 -2.47 -18.75
N TRP A 1222 -12.79 -2.81 -17.75
CA TRP A 1222 -11.36 -2.46 -17.72
C TRP A 1222 -11.13 -0.95 -17.82
N ALA A 1223 -11.99 -0.20 -17.14
CA ALA A 1223 -11.94 1.24 -17.03
C ALA A 1223 -10.58 1.94 -17.34
N GLY A 1224 -9.63 1.82 -16.45
CA GLY A 1224 -8.41 2.57 -16.68
C GLY A 1224 -7.47 2.17 -17.79
N LEU A 1225 -7.64 0.94 -18.35
CA LEU A 1225 -6.70 0.30 -19.25
C LEU A 1225 -6.47 1.02 -20.54
N TYR A 1226 -5.19 1.33 -20.82
CA TYR A 1226 -4.74 2.16 -21.95
C TYR A 1226 -5.17 3.62 -21.77
N GLY A 1227 -5.48 3.95 -20.52
CA GLY A 1227 -5.90 5.27 -20.13
C GLY A 1227 -4.76 6.19 -19.78
N ARG A 1228 -4.97 7.45 -20.10
CA ARG A 1228 -4.10 8.58 -19.96
C ARG A 1228 -4.35 9.29 -18.66
N LEU A 1229 -3.28 9.61 -17.93
CA LEU A 1229 -3.38 10.43 -16.72
C LEU A 1229 -4.08 11.75 -17.11
N GLU A 1230 -4.88 12.31 -16.18
CA GLU A 1230 -5.60 13.57 -16.40
C GLU A 1230 -4.79 14.72 -15.86
N TRP A 1231 -4.78 15.88 -16.55
CA TRP A 1231 -3.96 16.98 -16.02
C TRP A 1231 -4.45 17.44 -14.66
N ASP A 1232 -5.77 17.38 -14.42
CA ASP A 1232 -6.34 17.78 -13.11
C ASP A 1232 -6.44 16.62 -12.17
N GLY A 1233 -5.95 15.47 -12.60
CA GLY A 1233 -5.98 14.25 -11.82
C GLY A 1233 -4.73 14.03 -11.01
N PHE A 1234 -4.44 12.77 -10.76
CA PHE A 1234 -3.31 12.30 -9.98
C PHE A 1234 -2.97 10.88 -10.35
N PHE A 1235 -1.84 10.38 -9.86
CA PHE A 1235 -1.39 9.01 -10.07
C PHE A 1235 -2.22 8.08 -9.16
N SER A 1236 -2.73 6.98 -9.71
CA SER A 1236 -3.60 6.03 -9.04
C SER A 1236 -2.89 5.36 -7.90
N THR A 1237 -1.56 5.18 -8.04
CA THR A 1237 -0.66 4.61 -7.03
C THR A 1237 0.81 4.91 -7.31
N THR A 1238 1.67 4.36 -6.45
CA THR A 1238 3.12 4.41 -6.54
C THR A 1238 3.49 3.51 -7.78
N VAL A 1239 3.82 4.12 -8.94
CA VAL A 1239 4.11 3.32 -10.15
C VAL A 1239 5.53 2.78 -10.09
N THR A 1240 5.73 1.46 -10.28
CA THR A 1240 7.09 0.87 -10.32
C THR A 1240 7.50 0.37 -11.72
N ASN A 1241 6.52 0.00 -12.53
CA ASN A 1241 6.75 -0.47 -13.89
C ASN A 1241 5.52 -0.11 -14.71
N PRO A 1242 5.61 0.96 -15.52
CA PRO A 1242 4.42 1.42 -16.26
C PRO A 1242 3.98 0.45 -17.33
N GLU A 1243 2.80 -0.18 -17.14
CA GLU A 1243 2.22 -1.10 -18.12
C GLU A 1243 0.74 -0.78 -18.41
N PRO A 1244 0.37 -0.54 -19.68
CA PRO A 1244 -1.01 -0.11 -20.00
C PRO A 1244 -2.17 -0.99 -19.58
N MET A 1245 -1.98 -2.31 -19.54
CA MET A 1245 -3.01 -3.27 -19.09
C MET A 1245 -2.54 -3.82 -17.73
N GLY A 1246 -1.75 -3.04 -17.02
CA GLY A 1246 -1.21 -3.45 -15.73
C GLY A 1246 -2.09 -3.14 -14.54
N LYS A 1247 -1.58 -3.49 -13.34
CA LYS A 1247 -2.33 -3.28 -12.11
C LYS A 1247 -1.94 -2.00 -11.34
N GLN A 1248 -1.26 -1.02 -11.99
CA GLN A 1248 -0.84 0.21 -11.30
C GLN A 1248 -1.55 1.53 -11.73
N GLY A 1249 -2.74 1.40 -12.35
CA GLY A 1249 -3.56 2.53 -12.76
C GLY A 1249 -3.12 3.18 -14.06
N ARG A 1250 -3.80 4.33 -14.41
CA ARG A 1250 -3.55 5.12 -15.62
C ARG A 1250 -2.09 5.48 -15.68
N VAL A 1251 -1.42 5.01 -16.74
CA VAL A 1251 0.02 5.15 -16.91
C VAL A 1251 0.48 5.88 -18.22
N LEU A 1252 -0.46 6.25 -19.12
CA LEU A 1252 -0.09 6.99 -20.34
C LEU A 1252 -0.04 8.44 -19.98
N HIS A 1253 0.87 9.16 -20.63
CA HIS A 1253 1.06 10.58 -20.44
C HIS A 1253 -0.20 11.31 -20.89
N PRO A 1254 -0.62 12.41 -20.23
CA PRO A 1254 -1.83 13.12 -20.69
C PRO A 1254 -1.91 13.47 -22.18
N GLU A 1255 -0.76 13.75 -22.86
CA GLU A 1255 -0.77 14.16 -24.29
C GLU A 1255 0.14 13.37 -25.20
N GLN A 1256 1.33 13.01 -24.73
CA GLN A 1256 2.32 12.28 -25.51
C GLN A 1256 1.98 10.78 -25.67
N HIS A 1257 2.33 10.21 -26.83
CA HIS A 1257 2.03 8.82 -27.20
C HIS A 1257 3.03 7.84 -26.58
N ARG A 1258 3.02 7.88 -25.26
CA ARG A 1258 3.92 7.14 -24.43
C ARG A 1258 3.38 7.01 -23.02
N VAL A 1259 4.07 6.11 -22.30
CA VAL A 1259 3.92 5.76 -20.91
C VAL A 1259 4.77 6.82 -20.17
N VAL A 1260 4.49 7.03 -18.90
CA VAL A 1260 5.19 8.01 -18.07
C VAL A 1260 6.70 7.72 -17.93
N SER A 1261 7.52 8.78 -18.04
CA SER A 1261 8.97 8.73 -17.90
C SER A 1261 9.33 8.56 -16.41
N VAL A 1262 10.57 8.02 -16.12
CA VAL A 1262 11.07 7.81 -14.75
C VAL A 1262 10.91 9.11 -13.93
N ARG A 1263 11.48 10.23 -14.45
CA ARG A 1263 11.44 11.54 -13.80
C ARG A 1263 9.99 12.01 -13.48
N GLU A 1264 9.02 11.69 -14.37
CA GLU A 1264 7.63 12.04 -14.11
C GLU A 1264 7.16 11.32 -12.85
N CYS A 1265 7.50 10.02 -12.71
CA CYS A 1265 7.19 9.24 -11.49
C CYS A 1265 7.94 9.83 -10.31
N ALA A 1266 9.19 10.28 -10.55
CA ALA A 1266 10.01 10.91 -9.51
C ALA A 1266 9.33 12.20 -9.00
N ARG A 1267 8.65 12.93 -9.91
CA ARG A 1267 7.91 14.16 -9.64
C ARG A 1267 6.63 13.83 -8.93
N SER A 1268 5.92 12.78 -9.42
CA SER A 1268 4.68 12.29 -8.79
C SER A 1268 4.91 11.94 -7.33
N GLN A 1269 6.17 11.65 -6.98
CA GLN A 1269 6.69 11.28 -5.65
C GLN A 1269 7.23 12.49 -4.87
N GLY A 1270 7.36 13.63 -5.52
CA GLY A 1270 7.86 14.83 -4.85
C GLY A 1270 9.32 14.75 -4.49
N PHE A 1271 10.13 14.28 -5.44
CA PHE A 1271 11.57 14.19 -5.31
C PHE A 1271 12.16 15.46 -5.92
N PRO A 1272 13.18 16.10 -5.29
CA PRO A 1272 13.82 17.24 -5.94
C PRO A 1272 14.49 16.75 -7.25
N ASP A 1273 14.51 17.60 -8.29
CA ASP A 1273 15.06 17.21 -9.60
C ASP A 1273 16.54 16.81 -9.60
N SER A 1274 17.25 17.21 -8.54
CA SER A 1274 18.66 16.93 -8.27
C SER A 1274 18.81 15.48 -7.78
N TYR A 1275 17.72 14.87 -7.23
CA TYR A 1275 17.76 13.52 -6.72
C TYR A 1275 18.20 12.55 -7.77
N ARG A 1276 19.23 11.77 -7.45
CA ARG A 1276 19.86 10.83 -8.37
C ARG A 1276 19.34 9.44 -8.26
N PHE A 1277 19.23 8.77 -9.41
CA PHE A 1277 18.78 7.40 -9.48
C PHE A 1277 19.84 6.54 -10.15
N PHE A 1278 19.82 5.23 -9.91
CA PHE A 1278 20.86 4.36 -10.43
C PHE A 1278 20.36 3.10 -11.12
N GLY A 1279 21.07 2.67 -12.17
CA GLY A 1279 20.75 1.45 -12.91
C GLY A 1279 19.99 1.64 -14.20
N ASN A 1280 19.50 0.52 -14.76
CA ASN A 1280 18.73 0.55 -16.01
C ASN A 1280 17.36 1.17 -15.77
N ILE A 1281 16.65 1.54 -16.85
CA ILE A 1281 15.36 2.19 -16.75
C ILE A 1281 14.43 1.62 -15.67
N LEU A 1282 14.21 0.30 -15.68
CA LEU A 1282 13.33 -0.37 -14.74
C LEU A 1282 13.85 -0.35 -13.32
N ASP A 1283 15.18 -0.48 -13.10
CA ASP A 1283 15.74 -0.38 -11.76
C ASP A 1283 15.41 0.98 -11.19
N ARG A 1284 15.45 2.01 -12.05
CA ARG A 1284 15.16 3.39 -11.69
C ARG A 1284 13.66 3.52 -11.43
N HIS A 1285 12.83 2.93 -12.29
CA HIS A 1285 11.37 2.92 -12.10
C HIS A 1285 10.96 2.29 -10.75
N ARG A 1286 11.64 1.16 -10.37
CA ARG A 1286 11.41 0.40 -9.14
C ARG A 1286 11.81 1.25 -7.94
N GLN A 1287 13.02 1.83 -8.01
CA GLN A 1287 13.62 2.71 -7.00
C GLN A 1287 12.66 3.81 -6.55
N VAL A 1288 12.11 4.51 -7.56
CA VAL A 1288 11.19 5.64 -7.43
C VAL A 1288 9.89 5.22 -6.76
N GLY A 1289 9.23 4.21 -7.33
CA GLY A 1289 7.95 3.68 -6.89
C GLY A 1289 7.99 3.02 -5.53
N ASN A 1290 9.16 2.50 -5.12
CA ASN A 1290 9.29 1.86 -3.81
C ASN A 1290 9.41 2.91 -2.74
N ALA A 1291 9.96 4.06 -3.10
CA ALA A 1291 10.25 5.18 -2.22
C ALA A 1291 9.07 5.77 -1.41
N VAL A 1292 9.36 6.34 -0.25
CA VAL A 1292 8.41 7.09 0.57
C VAL A 1292 8.53 8.49 -0.06
N PRO A 1293 7.42 9.17 -0.43
CA PRO A 1293 7.59 10.49 -1.04
C PRO A 1293 8.18 11.48 -0.04
N PRO A 1294 9.33 12.12 -0.35
CA PRO A 1294 9.88 13.11 0.60
C PRO A 1294 8.85 14.08 1.23
N PRO A 1295 7.83 14.68 0.53
CA PRO A 1295 6.85 15.53 1.23
C PRO A 1295 6.13 14.87 2.44
N LEU A 1296 5.78 13.58 2.32
CA LEU A 1296 5.19 12.83 3.41
C LEU A 1296 6.29 12.60 4.46
N ALA A 1297 7.48 12.17 4.04
CA ALA A 1297 8.61 11.97 4.95
C ALA A 1297 8.95 13.24 5.77
N LYS A 1298 8.88 14.42 5.13
CA LYS A 1298 9.12 15.72 5.79
C LYS A 1298 7.99 16.03 6.80
N ALA A 1299 6.72 15.78 6.39
CA ALA A 1299 5.57 16.01 7.26
C ALA A 1299 5.75 15.25 8.58
N ILE A 1300 6.08 13.94 8.52
CA ILE A 1300 6.33 13.11 9.70
C ILE A 1300 7.55 13.63 10.46
N GLY A 1301 8.64 13.86 9.73
CA GLY A 1301 9.88 14.39 10.28
C GLY A 1301 9.68 15.66 11.09
N LEU A 1302 8.72 16.53 10.66
CA LEU A 1302 8.40 17.80 11.32
C LEU A 1302 7.60 17.69 12.60
N GLU A 1303 7.05 16.50 12.88
CA GLU A 1303 6.30 16.22 14.10
C GLU A 1303 7.32 15.80 15.13
N ILE A 1304 8.34 15.10 14.64
CA ILE A 1304 9.48 14.66 15.40
C ILE A 1304 10.25 15.93 15.81
N LYS A 1305 10.25 16.99 14.94
CA LYS A 1305 10.89 18.29 15.23
C LYS A 1305 10.36 18.85 16.54
N LEU A 1306 9.03 18.98 16.67
CA LEU A 1306 8.36 19.47 17.88
C LEU A 1306 8.81 18.72 19.12
N CYS A 1307 8.79 17.36 19.06
CA CYS A 1307 9.20 16.44 20.12
C CYS A 1307 10.61 16.69 20.64
N LEU A 1308 11.55 16.98 19.72
CA LEU A 1308 12.94 17.29 20.08
C LEU A 1308 12.98 18.64 20.77
N LEU A 1309 12.43 19.69 20.13
CA LEU A 1309 12.39 21.06 20.66
C LEU A 1309 11.75 21.12 22.03
N SER A 1310 10.60 20.42 22.19
CA SER A 1310 9.84 20.32 23.42
C SER A 1310 10.68 19.66 24.51
N SER A 1311 11.29 18.48 24.23
CA SER A 1311 12.14 17.76 25.19
C SER A 1311 13.47 18.46 25.45
N ALA A 1312 13.89 19.34 24.52
CA ALA A 1312 15.12 20.12 24.65
C ALA A 1312 14.95 21.18 25.75
N ARG A 1313 13.80 21.88 25.74
CA ARG A 1313 13.52 22.90 26.75
C ARG A 1313 13.22 22.29 28.13
N GLU A 1314 12.35 21.24 28.17
CA GLU A 1314 11.96 20.54 29.39
C GLU A 1314 13.14 19.89 30.12
N SER A 1315 14.32 19.85 29.48
CA SER A 1315 15.55 19.35 30.09
C SER A 1315 16.17 20.48 30.95
N ALA A 1316 16.38 21.68 30.34
CA ALA A 1316 16.96 22.85 31.00
C ALA A 1316 16.07 23.39 32.15
N SER A 1317 16.59 23.28 33.40
CA SER A 1317 15.92 23.72 34.62
C SER A 1317 16.86 24.13 35.79
N ALA A 1318 16.30 24.14 37.04
CA ALA A 1318 16.93 24.49 38.32
C ALA A 1318 18.21 23.69 38.60
#